data_3WXF
#
_entry.id   3WXF
#
_cell.length_a   49.628
_cell.length_b   65.372
_cell.length_c   69.846
_cell.angle_alpha   77.66
_cell.angle_beta   89.04
_cell.angle_gamma   89.46
#
_symmetry.space_group_name_H-M   'P 1'
#
loop_
_entity.id
_entity.type
_entity.pdbx_description
1 polymer 'Uncharacterized protein'
2 polymer Ubiquitin
3 non-polymer 'SULFATE ION'
4 water water
#
loop_
_entity_poly.entity_id
_entity_poly.type
_entity_poly.pdbx_seq_one_letter_code
_entity_poly.pdbx_strand_id
1 'polypeptide(L)'
;SHMGLEVMVGKKKGIQGHYNSSYLDSTLFCLFSFSSVLDTVLLRPRSKTDVEYYKETQELLRTEIVNPLRIHGYVCATKI
MKLRRILEKVEAASGFTSEQKDPEEFLNILFHHILRVDPLLRLRSAGQKVQDCYFYQIFMDKKDKVMVPTSQQLLEWSFI
NSDLKFAEAPSCLIIQMPRFGKDFKMFNKIFPSLELDITDLLDDTPLEGGPHQQMELFAVLCIETSHYVAFVKYGSADSA
WLFFDSMADRDGGQNGFNIPQVSRCPEVGEYLKMTPEELHALDPKNIQGYARRLLCDAYMCMYQSPTMSLYK
;
A,C
2 'polypeptide(L)'
;MQIFVKTLTGKTITLEVEPSDTIENVKAKIQDKEGIPPDQQRLIFAGKQLEDGRTLSDYNIQKESTLHLVLRLRGGMQIF
VKTLTGKTITLEVEPSDTIENVKAKIQDKEGIPPDQQRLIFAGKQLEDGRTLSDYNIQKESTLHLVLR
;
B,D
#
# COMPACT_ATOMS: atom_id res chain seq x y z
N MET A 3 -24.58 19.48 11.72
CA MET A 3 -24.68 18.13 11.02
C MET A 3 -24.27 18.14 9.53
N GLY A 4 -23.63 17.07 9.09
CA GLY A 4 -22.95 17.08 7.79
C GLY A 4 -22.17 15.81 7.56
N LEU A 5 -21.88 15.47 6.31
CA LEU A 5 -21.08 14.30 5.99
C LEU A 5 -19.76 14.33 6.74
N GLU A 6 -19.08 15.48 6.73
CA GLU A 6 -17.72 15.55 7.26
C GLU A 6 -17.61 15.32 8.78
N VAL A 7 -18.70 15.40 9.53
CA VAL A 7 -18.67 15.03 10.93
C VAL A 7 -18.54 13.52 11.12
N MET A 8 -18.86 12.77 10.07
CA MET A 8 -18.94 11.33 10.14
C MET A 8 -17.64 10.65 9.77
N VAL A 9 -16.75 11.40 9.14
CA VAL A 9 -15.61 10.84 8.47
C VAL A 9 -14.31 11.17 9.23
N GLY A 10 -13.40 10.21 9.31
CA GLY A 10 -12.14 10.35 10.00
C GLY A 10 -11.76 9.21 10.96
N LYS A 11 -10.56 9.38 11.50
CA LYS A 11 -10.09 8.56 12.60
C LYS A 11 -10.90 8.94 13.83
N LYS A 12 -11.17 7.98 14.67
CA LYS A 12 -11.94 8.19 15.89
C LYS A 12 -13.33 8.67 15.48
N LYS A 13 -13.88 8.02 14.44
CA LYS A 13 -15.26 8.17 14.06
C LYS A 13 -15.93 6.81 13.93
N GLY A 14 -17.21 6.79 14.16
CA GLY A 14 -18.01 5.59 14.14
C GLY A 14 -18.23 5.10 15.56
N ILE A 15 -18.60 3.85 15.67
CA ILE A 15 -18.81 3.22 16.94
C ILE A 15 -17.54 2.52 17.35
N GLN A 16 -17.02 2.94 18.47
CA GLN A 16 -15.81 2.33 19.03
C GLN A 16 -16.08 0.90 19.40
N GLY A 17 -15.32 -0.01 18.83
CA GLY A 17 -15.44 -1.41 19.17
C GLY A 17 -14.74 -1.69 20.50
N HIS A 18 -15.14 -2.78 21.13
CA HIS A 18 -14.47 -3.29 22.37
C HIS A 18 -14.91 -4.71 22.65
N TYR A 19 -13.93 -5.60 22.76
CA TYR A 19 -14.17 -7.02 23.12
C TYR A 19 -15.14 -7.74 22.24
N ASN A 20 -14.70 -8.05 21.03
CA ASN A 20 -15.47 -8.84 20.08
C ASN A 20 -16.76 -8.21 19.69
N SER A 21 -16.82 -6.92 19.71
CA SER A 21 -18.08 -6.23 19.50
C SER A 21 -18.43 -5.98 18.03
N SER A 22 -17.54 -6.31 17.09
CA SER A 22 -17.66 -5.82 15.71
C SER A 22 -18.96 -6.22 15.04
N TYR A 23 -19.50 -7.39 15.36
CA TYR A 23 -20.81 -7.77 14.88
C TYR A 23 -21.91 -6.78 15.21
N LEU A 24 -21.83 -6.14 16.36
CA LEU A 24 -22.88 -5.24 16.84
C LEU A 24 -22.61 -3.84 16.28
N ASP A 25 -21.37 -3.41 16.41
CA ASP A 25 -20.94 -2.09 15.99
C ASP A 25 -21.29 -1.86 14.54
N SER A 26 -20.88 -2.80 13.70
CA SER A 26 -21.09 -2.71 12.26
C SER A 26 -22.53 -2.82 11.85
N THR A 27 -23.31 -3.64 12.52
CA THR A 27 -24.69 -3.68 12.11
C THR A 27 -25.45 -2.41 12.51
N LEU A 28 -25.15 -1.83 13.68
CA LEU A 28 -25.75 -0.58 14.08
C LEU A 28 -25.28 0.53 13.16
N PHE A 29 -24.01 0.54 12.84
CA PHE A 29 -23.56 1.52 11.86
C PHE A 29 -24.27 1.37 10.50
N CYS A 30 -24.38 0.17 9.97
CA CYS A 30 -25.09 0.02 8.71
C CYS A 30 -26.47 0.59 8.79
N LEU A 31 -27.12 0.30 9.90
CA LEU A 31 -28.56 0.48 9.97
C LEU A 31 -28.95 1.90 10.33
N PHE A 32 -28.10 2.64 11.02
CA PHE A 32 -28.45 3.95 11.53
C PHE A 32 -27.53 5.11 11.22
N SER A 33 -26.36 4.88 10.59
CA SER A 33 -25.45 5.99 10.37
C SER A 33 -26.03 6.98 9.36
N PHE A 34 -26.60 6.49 8.25
CA PHE A 34 -27.27 7.38 7.27
C PHE A 34 -28.71 7.03 6.99
N SER A 35 -29.06 5.77 6.96
CA SER A 35 -30.41 5.40 6.67
C SER A 35 -31.35 5.78 7.82
N SER A 36 -32.59 6.01 7.46
CA SER A 36 -33.64 6.15 8.40
C SER A 36 -34.62 5.03 8.31
N VAL A 37 -34.37 3.98 7.52
CA VAL A 37 -35.40 2.96 7.39
C VAL A 37 -35.99 2.42 8.67
N LEU A 38 -35.20 2.32 9.73
CA LEU A 38 -35.72 1.75 10.95
C LEU A 38 -35.83 2.76 12.05
N ASP A 39 -35.77 4.05 11.68
CA ASP A 39 -35.85 5.07 12.69
C ASP A 39 -37.05 4.88 13.60
N THR A 40 -38.22 4.47 13.09
CA THR A 40 -39.38 4.46 13.93
C THR A 40 -39.14 3.53 15.10
N VAL A 41 -38.39 2.47 14.89
CA VAL A 41 -38.07 1.53 15.96
C VAL A 41 -37.50 2.24 17.21
N LEU A 42 -36.85 3.39 16.99
CA LEU A 42 -36.31 4.15 18.06
C LEU A 42 -37.31 5.13 18.63
N LEU A 43 -38.54 5.07 18.16
CA LEU A 43 -39.52 6.13 18.39
C LEU A 43 -40.88 5.64 18.86
N ARG A 44 -41.22 4.39 18.60
CA ARG A 44 -42.48 3.84 18.98
C ARG A 44 -42.61 3.83 20.51
N PRO A 45 -43.69 4.44 21.02
CA PRO A 45 -43.87 4.47 22.47
C PRO A 45 -44.06 3.08 23.06
N ARG A 46 -43.61 2.95 24.30
CA ARG A 46 -43.82 1.78 25.09
C ARG A 46 -45.34 1.50 25.19
N SER A 47 -45.76 0.29 24.80
CA SER A 47 -47.15 -0.15 24.91
C SER A 47 -47.17 -1.24 25.95
N LYS A 48 -48.35 -1.63 26.42
CA LYS A 48 -48.46 -2.54 27.56
C LYS A 48 -48.06 -3.98 27.20
N THR A 49 -48.24 -4.32 25.94
CA THR A 49 -47.65 -5.51 25.35
C THR A 49 -46.10 -5.49 25.26
N ASP A 50 -45.44 -4.39 25.61
CA ASP A 50 -43.98 -4.38 25.54
C ASP A 50 -43.37 -5.05 26.74
N VAL A 51 -42.20 -5.61 26.50
CA VAL A 51 -41.49 -6.43 27.45
C VAL A 51 -40.60 -5.56 28.36
N GLU A 52 -40.08 -6.14 29.43
CA GLU A 52 -39.37 -5.42 30.54
C GLU A 52 -38.35 -4.27 30.20
N TYR A 53 -37.33 -4.54 29.38
CA TYR A 53 -36.27 -3.55 29.03
C TYR A 53 -36.59 -2.71 27.80
N TYR A 54 -37.82 -2.79 27.32
CA TYR A 54 -38.20 -2.05 26.14
C TYR A 54 -37.68 -0.63 26.22
N LYS A 55 -38.01 0.06 27.30
CA LYS A 55 -37.78 1.49 27.33
C LYS A 55 -36.33 1.83 27.54
N GLU A 56 -35.71 1.16 28.49
CA GLU A 56 -34.32 1.44 28.72
C GLU A 56 -33.51 1.21 27.43
N THR A 57 -33.87 0.16 26.70
CA THR A 57 -33.16 -0.18 25.47
C THR A 57 -33.38 0.85 24.38
N GLN A 58 -34.64 1.23 24.19
CA GLN A 58 -34.98 2.22 23.16
C GLN A 58 -34.28 3.51 23.46
N GLU A 59 -34.31 3.89 24.70
CA GLU A 59 -33.73 5.16 25.13
C GLU A 59 -32.24 5.16 24.97
N LEU A 60 -31.60 4.07 25.33
CA LEU A 60 -30.19 3.93 25.13
C LEU A 60 -29.83 4.07 23.61
N LEU A 61 -30.51 3.32 22.75
CA LEU A 61 -30.23 3.37 21.32
C LEU A 61 -30.35 4.80 20.72
N ARG A 62 -31.49 5.44 20.97
CA ARG A 62 -31.75 6.76 20.43
C ARG A 62 -30.81 7.82 20.96
N THR A 63 -30.64 7.80 22.26
CA THR A 63 -30.20 8.94 22.99
C THR A 63 -28.68 8.84 23.24
N GLU A 64 -28.18 7.63 23.44
CA GLU A 64 -26.76 7.46 23.72
C GLU A 64 -26.00 6.85 22.59
N ILE A 65 -26.70 6.31 21.59
CA ILE A 65 -25.98 5.69 20.46
C ILE A 65 -26.24 6.44 19.16
N VAL A 66 -27.48 6.40 18.67
CA VAL A 66 -27.76 6.93 17.33
C VAL A 66 -27.66 8.46 17.23
N ASN A 67 -28.25 9.21 18.18
CA ASN A 67 -28.17 10.68 18.11
C ASN A 67 -26.74 11.14 18.13
N PRO A 68 -25.93 10.68 19.10
CA PRO A 68 -24.49 11.04 19.07
C PRO A 68 -23.73 10.58 17.81
N LEU A 69 -24.05 9.42 17.28
CA LEU A 69 -23.40 8.97 16.09
C LEU A 69 -23.65 9.99 14.98
N ARG A 70 -24.91 10.40 14.85
CA ARG A 70 -25.33 11.31 13.83
C ARG A 70 -24.92 12.75 14.06
N ILE A 71 -24.94 13.26 15.30
CA ILE A 71 -24.45 14.65 15.49
C ILE A 71 -22.94 14.80 15.78
N HIS A 72 -22.33 13.87 16.49
CA HIS A 72 -20.89 13.94 16.75
C HIS A 72 -20.02 13.08 15.84
N GLY A 73 -20.60 12.05 15.23
CA GLY A 73 -19.87 11.14 14.38
C GLY A 73 -19.17 10.00 15.13
N TYR A 74 -19.52 9.84 16.39
CA TYR A 74 -18.75 8.98 17.28
C TYR A 74 -19.59 8.46 18.44
N VAL A 75 -19.36 7.20 18.77
CA VAL A 75 -19.97 6.55 19.94
C VAL A 75 -18.94 5.68 20.69
N CYS A 76 -18.73 5.99 21.98
CA CYS A 76 -17.88 5.20 22.88
C CYS A 76 -18.34 3.82 23.08
N ALA A 77 -17.40 2.92 23.24
CA ALA A 77 -17.71 1.52 23.54
C ALA A 77 -18.52 1.36 24.86
N THR A 78 -18.41 2.28 25.82
CA THR A 78 -19.17 2.12 27.06
C THR A 78 -20.66 1.97 26.82
N LYS A 79 -21.16 2.68 25.81
CA LYS A 79 -22.59 2.70 25.48
C LYS A 79 -23.02 1.43 24.82
N ILE A 80 -22.15 0.86 24.00
CA ILE A 80 -22.45 -0.40 23.39
C ILE A 80 -22.43 -1.50 24.40
N MET A 81 -21.53 -1.37 25.33
CA MET A 81 -21.40 -2.31 26.41
C MET A 81 -22.66 -2.26 27.26
N LYS A 82 -23.25 -1.08 27.43
CA LYS A 82 -24.54 -1.05 28.14
C LYS A 82 -25.62 -1.80 27.41
N LEU A 83 -25.60 -1.74 26.10
CA LEU A 83 -26.54 -2.47 25.29
C LEU A 83 -26.32 -3.97 25.39
N ARG A 84 -25.07 -4.38 25.29
CA ARG A 84 -24.73 -5.77 25.39
C ARG A 84 -25.16 -6.36 26.73
N ARG A 85 -25.04 -5.61 27.80
CA ARG A 85 -25.56 -6.11 29.11
C ARG A 85 -27.06 -6.33 29.09
N ILE A 86 -27.79 -5.36 28.55
CA ILE A 86 -29.21 -5.58 28.41
C ILE A 86 -29.47 -6.84 27.59
N LEU A 87 -28.71 -7.00 26.51
CA LEU A 87 -28.83 -8.20 25.70
C LEU A 87 -28.64 -9.45 26.53
N GLU A 88 -27.55 -9.48 27.29
CA GLU A 88 -27.24 -10.61 28.14
C GLU A 88 -28.31 -10.86 29.21
N LYS A 89 -29.01 -9.83 29.65
CA LYS A 89 -30.07 -10.04 30.65
C LYS A 89 -31.31 -10.65 30.07
N VAL A 90 -31.48 -10.49 28.75
CA VAL A 90 -32.60 -11.05 28.06
C VAL A 90 -32.26 -12.46 27.61
N GLU A 91 -31.02 -12.70 27.20
CA GLU A 91 -30.57 -14.06 26.93
C GLU A 91 -29.26 -14.42 27.65
N ALA A 92 -29.40 -14.92 28.87
CA ALA A 92 -28.25 -15.26 29.71
C ALA A 92 -27.31 -16.27 29.05
N ALA A 93 -26.06 -16.30 29.50
CA ALA A 93 -25.10 -17.34 29.13
C ALA A 93 -25.02 -17.57 27.61
N SER A 94 -25.11 -16.49 26.84
CA SER A 94 -25.01 -16.59 25.41
C SER A 94 -23.95 -15.63 24.89
N GLY A 95 -23.10 -15.13 25.81
CA GLY A 95 -21.86 -14.42 25.46
C GLY A 95 -22.07 -13.07 24.83
N PHE A 96 -23.17 -12.43 25.17
CA PHE A 96 -23.46 -11.17 24.53
C PHE A 96 -22.53 -10.09 25.01
N THR A 97 -21.85 -10.29 26.13
CA THR A 97 -20.93 -9.29 26.63
C THR A 97 -19.50 -9.60 26.33
N SER A 98 -19.17 -10.76 25.78
CA SER A 98 -17.73 -11.08 25.56
C SER A 98 -17.33 -11.86 24.30
N GLU A 99 -18.28 -12.55 23.66
CA GLU A 99 -17.94 -13.47 22.59
C GLU A 99 -18.20 -12.90 21.20
N GLN A 100 -17.47 -13.43 20.21
CA GLN A 100 -17.81 -13.23 18.77
C GLN A 100 -19.25 -13.75 18.54
N LYS A 101 -20.14 -12.98 17.92
CA LYS A 101 -21.52 -13.47 17.59
C LYS A 101 -21.84 -13.17 16.16
N ASP A 102 -23.00 -13.65 15.68
CA ASP A 102 -23.58 -13.34 14.36
C ASP A 102 -24.46 -12.10 14.49
N PRO A 103 -24.47 -11.20 13.48
CA PRO A 103 -25.44 -10.13 13.45
C PRO A 103 -26.86 -10.59 13.51
N GLU A 104 -27.17 -11.71 12.84
CA GLU A 104 -28.50 -12.37 12.91
C GLU A 104 -28.91 -12.56 14.39
N GLU A 105 -28.02 -13.11 15.19
CA GLU A 105 -28.32 -13.33 16.61
C GLU A 105 -28.65 -12.01 17.22
N PHE A 106 -27.86 -10.98 16.89
CA PHE A 106 -28.04 -9.68 17.46
C PHE A 106 -29.39 -9.07 17.03
N LEU A 107 -29.67 -9.11 15.73
CA LEU A 107 -30.92 -8.61 15.24
C LEU A 107 -32.10 -9.29 15.89
N ASN A 108 -32.06 -10.61 16.05
CA ASN A 108 -33.20 -11.33 16.52
C ASN A 108 -33.46 -10.98 17.98
N ILE A 109 -32.44 -10.93 18.82
CA ILE A 109 -32.71 -10.60 20.22
C ILE A 109 -33.25 -9.20 20.31
N LEU A 110 -32.62 -8.27 19.60
CA LEU A 110 -32.98 -6.90 19.74
C LEU A 110 -34.35 -6.61 19.16
N PHE A 111 -34.56 -6.98 17.91
CA PHE A 111 -35.84 -6.74 17.24
C PHE A 111 -36.95 -7.64 17.67
N HIS A 112 -36.69 -8.93 17.83
CA HIS A 112 -37.79 -9.83 18.16
C HIS A 112 -38.13 -9.81 19.64
N HIS A 113 -37.13 -10.01 20.50
CA HIS A 113 -37.41 -10.08 21.93
C HIS A 113 -37.60 -8.74 22.57
N ILE A 114 -36.72 -7.77 22.35
CA ILE A 114 -36.76 -6.54 23.15
C ILE A 114 -37.66 -5.44 22.58
N LEU A 115 -37.30 -4.90 21.43
CA LEU A 115 -38.18 -3.92 20.79
C LEU A 115 -39.07 -4.96 20.21
N ARG A 116 -40.25 -4.70 19.75
CA ARG A 116 -40.97 -5.88 19.24
C ARG A 116 -41.34 -5.56 17.86
N VAL A 117 -40.30 -5.47 17.05
CA VAL A 117 -40.44 -4.91 15.75
C VAL A 117 -41.31 -5.85 14.94
N ASP A 118 -42.28 -5.29 14.23
CA ASP A 118 -43.04 -6.11 13.32
C ASP A 118 -42.08 -6.69 12.31
N PRO A 119 -42.27 -7.95 11.94
CA PRO A 119 -41.38 -8.59 10.99
C PRO A 119 -41.14 -7.75 9.75
N LEU A 120 -39.90 -7.67 9.34
CA LEU A 120 -39.54 -6.89 8.18
C LEU A 120 -39.97 -7.58 6.87
N LEU A 121 -39.99 -8.91 6.85
CA LEU A 121 -40.26 -9.67 5.66
C LEU A 121 -41.42 -10.62 5.87
N ARG A 122 -42.33 -10.67 4.91
CA ARG A 122 -43.46 -11.63 4.97
C ARG A 122 -43.43 -12.41 3.69
N LEU A 123 -43.17 -13.69 3.81
CA LEU A 123 -42.89 -14.51 2.65
C LEU A 123 -43.87 -15.64 2.67
N ARG A 124 -44.18 -16.12 1.48
CA ARG A 124 -45.10 -17.21 1.33
C ARG A 124 -44.43 -18.20 0.41
N SER A 125 -44.22 -19.41 0.89
CA SER A 125 -43.77 -20.50 0.02
C SER A 125 -44.96 -20.83 -0.86
N ALA A 126 -44.88 -20.33 -2.10
CA ALA A 126 -46.03 -19.73 -2.80
C ALA A 126 -47.35 -20.51 -2.63
N GLY A 127 -48.41 -19.77 -2.33
CA GLY A 127 -49.74 -20.35 -2.13
C GLY A 127 -49.95 -20.97 -0.75
N GLN A 128 -48.86 -21.25 -0.05
CA GLN A 128 -48.94 -21.65 1.34
C GLN A 128 -49.31 -20.41 2.19
N LYS A 129 -49.06 -20.48 3.50
CA LYS A 129 -49.23 -19.29 4.33
C LYS A 129 -47.92 -18.71 4.93
N VAL A 130 -48.05 -17.47 5.34
CA VAL A 130 -46.90 -16.60 5.45
C VAL A 130 -46.00 -16.94 6.63
N GLN A 131 -44.69 -16.77 6.42
CA GLN A 131 -43.74 -16.83 7.49
C GLN A 131 -43.17 -15.44 7.69
N ASP A 132 -42.82 -15.14 8.92
CA ASP A 132 -42.29 -13.83 9.31
C ASP A 132 -40.80 -13.93 9.53
N CYS A 133 -40.04 -12.92 9.10
CA CYS A 133 -38.65 -12.86 9.47
C CYS A 133 -38.10 -11.44 9.34
N TYR A 134 -36.86 -11.27 9.81
CA TYR A 134 -36.18 -9.99 9.80
C TYR A 134 -35.15 -9.88 8.74
N PHE A 135 -34.84 -10.98 8.07
CA PHE A 135 -33.84 -10.96 7.03
C PHE A 135 -33.92 -12.28 6.25
N TYR A 136 -33.36 -12.33 5.05
CA TYR A 136 -33.51 -13.48 4.21
C TYR A 136 -32.18 -14.18 3.90
N GLN A 137 -32.15 -15.50 3.99
CA GLN A 137 -30.95 -16.25 3.68
C GLN A 137 -30.93 -16.76 2.27
N ILE A 138 -29.97 -16.31 1.49
CA ILE A 138 -29.82 -16.82 0.18
C ILE A 138 -29.40 -18.26 0.34
N PHE A 139 -30.18 -19.16 -0.25
CA PHE A 139 -29.80 -20.56 -0.37
C PHE A 139 -30.11 -21.11 -1.74
N MET A 140 -29.09 -21.69 -2.39
CA MET A 140 -29.29 -22.30 -3.71
C MET A 140 -28.14 -23.19 -4.09
N ASP A 141 -28.21 -23.79 -5.29
CA ASP A 141 -27.16 -24.70 -5.77
C ASP A 141 -26.25 -23.98 -6.74
N LYS A 142 -24.96 -24.25 -6.56
CA LYS A 142 -23.93 -23.70 -7.40
C LYS A 142 -24.12 -24.22 -8.82
N VAL A 146 -22.93 -19.02 -12.93
CA VAL A 146 -21.99 -17.91 -13.11
C VAL A 146 -21.06 -17.65 -11.91
N MET A 147 -19.88 -17.14 -12.21
CA MET A 147 -18.87 -17.03 -11.20
C MET A 147 -19.09 -15.87 -10.26
N VAL A 148 -19.49 -14.71 -10.80
CA VAL A 148 -19.85 -13.59 -9.94
C VAL A 148 -21.28 -13.14 -10.18
N PRO A 149 -22.16 -13.65 -9.32
CA PRO A 149 -23.56 -13.34 -9.39
C PRO A 149 -23.83 -11.99 -8.74
N THR A 150 -24.89 -11.34 -9.19
CA THR A 150 -25.40 -10.11 -8.56
C THR A 150 -26.34 -10.57 -7.42
N SER A 151 -26.55 -9.73 -6.41
CA SER A 151 -27.49 -10.08 -5.34
C SER A 151 -28.94 -10.20 -5.88
N GLN A 152 -29.25 -9.44 -6.92
CA GLN A 152 -30.49 -9.62 -7.70
C GLN A 152 -30.64 -11.07 -8.13
N GLN A 153 -29.63 -11.62 -8.79
CA GLN A 153 -29.68 -13.04 -9.20
C GLN A 153 -29.80 -13.98 -8.01
N LEU A 154 -29.00 -13.76 -6.98
CA LEU A 154 -29.08 -14.66 -5.83
C LEU A 154 -30.49 -14.65 -5.26
N LEU A 155 -31.09 -13.48 -5.14
CA LEU A 155 -32.41 -13.44 -4.55
C LEU A 155 -33.43 -14.18 -5.37
N GLU A 156 -33.40 -13.95 -6.70
CA GLU A 156 -34.25 -14.66 -7.63
C GLU A 156 -34.04 -16.14 -7.56
N TRP A 157 -32.80 -16.56 -7.71
CA TRP A 157 -32.52 -17.98 -7.63
C TRP A 157 -32.96 -18.60 -6.29
N SER A 158 -32.64 -17.95 -5.18
CA SER A 158 -33.03 -18.49 -3.87
C SER A 158 -34.57 -18.54 -3.74
N PHE A 159 -35.26 -17.59 -4.36
CA PHE A 159 -36.71 -17.61 -4.26
C PHE A 159 -37.28 -18.80 -5.03
N ILE A 160 -36.78 -19.01 -6.24
CA ILE A 160 -37.25 -20.10 -7.09
C ILE A 160 -36.93 -21.42 -6.44
N ASN A 161 -35.76 -21.51 -5.85
CA ASN A 161 -35.38 -22.74 -5.24
C ASN A 161 -36.33 -23.15 -4.12
N SER A 162 -36.94 -22.22 -3.38
CA SER A 162 -37.96 -22.64 -2.42
C SER A 162 -39.37 -22.13 -2.73
N ASP A 163 -39.63 -21.88 -4.01
CA ASP A 163 -40.96 -21.49 -4.46
C ASP A 163 -41.57 -20.41 -3.56
N LEU A 164 -40.88 -19.29 -3.46
CA LEU A 164 -41.24 -18.23 -2.53
C LEU A 164 -41.69 -16.98 -3.22
N LYS A 165 -42.36 -16.15 -2.46
CA LYS A 165 -42.86 -14.87 -2.90
C LYS A 165 -42.88 -13.95 -1.71
N PHE A 166 -42.73 -12.66 -1.94
CA PHE A 166 -43.01 -11.65 -0.93
C PHE A 166 -44.50 -11.49 -0.80
N ALA A 167 -45.04 -11.69 0.41
CA ALA A 167 -46.45 -11.42 0.70
C ALA A 167 -46.80 -9.94 0.56
N GLU A 168 -45.85 -9.08 0.91
CA GLU A 168 -45.98 -7.65 0.65
C GLU A 168 -44.61 -7.05 0.44
N ALA A 169 -44.56 -5.85 -0.13
CA ALA A 169 -43.31 -5.18 -0.39
C ALA A 169 -42.58 -4.80 0.94
N PRO A 170 -41.38 -5.34 1.18
CA PRO A 170 -40.64 -4.93 2.38
C PRO A 170 -40.15 -3.47 2.30
N SER A 171 -40.00 -2.84 3.47
CA SER A 171 -39.36 -1.51 3.54
C SER A 171 -37.87 -1.69 3.72
N CYS A 172 -37.49 -2.76 4.43
CA CYS A 172 -36.09 -3.01 4.78
C CYS A 172 -35.85 -4.49 4.51
N LEU A 173 -35.05 -4.78 3.50
CA LEU A 173 -34.74 -6.14 3.11
C LEU A 173 -33.24 -6.40 3.30
N ILE A 174 -32.94 -7.17 4.31
CA ILE A 174 -31.60 -7.58 4.64
C ILE A 174 -31.40 -9.00 4.13
N ILE A 175 -30.43 -9.17 3.23
CA ILE A 175 -30.16 -10.43 2.58
C ILE A 175 -28.78 -11.01 2.98
N GLN A 176 -28.78 -12.25 3.45
CA GLN A 176 -27.56 -12.87 3.89
C GLN A 176 -27.00 -13.61 2.72
N MET A 177 -25.73 -13.33 2.43
CA MET A 177 -25.00 -13.99 1.37
C MET A 177 -24.79 -15.49 1.61
N PRO A 178 -24.64 -16.27 0.51
CA PRO A 178 -24.49 -17.71 0.60
C PRO A 178 -23.10 -18.20 0.96
N ARG A 179 -22.91 -18.35 2.27
CA ARG A 179 -21.71 -18.80 2.93
C ARG A 179 -22.01 -19.94 3.90
N PHE A 180 -21.01 -20.75 4.17
CA PHE A 180 -21.17 -21.88 5.08
C PHE A 180 -20.01 -21.84 6.05
N GLY A 181 -20.21 -21.13 7.14
CA GLY A 181 -19.16 -20.90 8.12
C GLY A 181 -18.08 -19.96 7.60
N LYS A 182 -17.08 -19.78 8.46
CA LYS A 182 -15.82 -19.06 8.19
C LYS A 182 -15.09 -19.49 6.96
N ASP A 183 -15.14 -20.77 6.65
CA ASP A 183 -14.21 -21.32 5.67
C ASP A 183 -14.81 -21.54 4.28
N PHE A 184 -16.08 -21.26 4.07
CA PHE A 184 -16.67 -21.49 2.76
C PHE A 184 -17.54 -20.38 2.29
N LYS A 185 -17.22 -19.89 1.10
CA LYS A 185 -18.04 -18.93 0.37
C LYS A 185 -18.51 -19.61 -0.90
N MET A 186 -19.81 -19.56 -1.17
CA MET A 186 -20.28 -20.13 -2.44
C MET A 186 -19.57 -19.44 -3.58
N PHE A 187 -19.44 -18.13 -3.46
CA PHE A 187 -18.87 -17.33 -4.53
C PHE A 187 -17.71 -16.51 -3.98
N ASN A 188 -16.70 -16.37 -4.81
CA ASN A 188 -15.51 -15.66 -4.41
C ASN A 188 -15.76 -14.17 -4.42
N LYS A 189 -16.52 -13.70 -5.40
CA LYS A 189 -16.98 -12.32 -5.45
C LYS A 189 -18.45 -12.30 -5.77
N ILE A 190 -19.13 -11.29 -5.25
CA ILE A 190 -20.54 -11.08 -5.52
C ILE A 190 -20.71 -9.58 -5.85
N PHE A 191 -21.60 -9.29 -6.78
CA PHE A 191 -21.90 -7.92 -7.22
C PHE A 191 -23.15 -7.46 -6.44
N PRO A 192 -22.98 -6.52 -5.52
CA PRO A 192 -24.18 -6.14 -4.78
C PRO A 192 -24.93 -5.17 -5.60
N SER A 193 -26.09 -5.61 -6.10
CA SER A 193 -26.89 -4.76 -6.97
C SER A 193 -27.22 -3.50 -6.24
N LEU A 194 -27.03 -2.39 -6.90
CA LEU A 194 -27.35 -1.08 -6.36
C LEU A 194 -28.82 -0.84 -6.17
N GLU A 195 -29.59 -1.46 -7.06
CA GLU A 195 -31.04 -1.45 -7.03
C GLU A 195 -31.52 -2.88 -7.13
N LEU A 196 -32.58 -3.18 -6.42
CA LEU A 196 -33.23 -4.46 -6.51
C LEU A 196 -34.61 -4.23 -7.10
N ASP A 197 -34.98 -5.05 -8.08
CA ASP A 197 -36.33 -5.08 -8.60
C ASP A 197 -36.98 -6.30 -8.04
N ILE A 198 -38.00 -6.13 -7.21
CA ILE A 198 -38.68 -7.27 -6.61
C ILE A 198 -40.04 -7.56 -7.23
N THR A 199 -40.34 -6.91 -8.35
CA THR A 199 -41.62 -7.02 -9.05
C THR A 199 -42.04 -8.48 -9.31
N ASP A 200 -41.18 -9.26 -9.96
CA ASP A 200 -41.55 -10.65 -10.28
C ASP A 200 -41.49 -11.55 -9.08
N LEU A 201 -41.17 -11.02 -7.90
CA LEU A 201 -41.10 -11.82 -6.69
C LEU A 201 -42.23 -11.49 -5.72
N LEU A 202 -43.05 -10.54 -6.09
CA LEU A 202 -44.19 -10.17 -5.29
C LEU A 202 -45.35 -11.08 -5.62
N ASP A 203 -46.27 -11.20 -4.67
CA ASP A 203 -47.54 -11.90 -4.92
C ASP A 203 -48.45 -10.97 -5.70
N ASP A 204 -48.54 -9.70 -5.27
CA ASP A 204 -49.53 -8.77 -5.82
C ASP A 204 -48.89 -7.78 -6.80
N GLN A 213 -42.18 -2.36 -6.45
CA GLN A 213 -41.19 -2.63 -7.48
C GLN A 213 -39.69 -2.52 -7.06
N GLN A 214 -39.18 -1.31 -6.75
CA GLN A 214 -37.72 -1.09 -6.58
C GLN A 214 -37.26 -0.89 -5.11
N MET A 215 -35.97 -1.15 -4.86
CA MET A 215 -35.33 -0.98 -3.54
C MET A 215 -33.88 -0.63 -3.76
N GLU A 216 -33.30 0.12 -2.85
CA GLU A 216 -31.98 0.65 -3.10
C GLU A 216 -31.05 0.14 -2.00
N LEU A 217 -29.86 -0.28 -2.43
CA LEU A 217 -28.83 -0.67 -1.57
C LEU A 217 -28.36 0.48 -0.69
N PHE A 218 -28.41 0.29 0.63
CA PHE A 218 -27.86 1.32 1.51
C PHE A 218 -26.67 0.86 2.37
N ALA A 219 -26.43 -0.43 2.50
CA ALA A 219 -25.28 -0.91 3.21
C ALA A 219 -24.93 -2.34 2.84
N VAL A 220 -23.65 -2.64 3.02
CA VAL A 220 -23.14 -3.98 3.00
C VAL A 220 -22.27 -4.23 4.22
N LEU A 221 -22.66 -5.25 4.97
CA LEU A 221 -21.94 -5.72 6.16
C LEU A 221 -20.96 -6.80 5.73
N CYS A 222 -19.67 -6.66 5.98
CA CYS A 222 -18.71 -7.59 5.45
C CYS A 222 -17.88 -8.29 6.55
N ILE A 223 -17.33 -9.44 6.22
CA ILE A 223 -16.45 -10.14 7.14
C ILE A 223 -15.66 -11.10 6.33
N GLU A 224 -14.34 -11.07 6.48
CA GLU A 224 -13.50 -12.08 5.84
C GLU A 224 -13.56 -13.41 6.60
N THR A 225 -13.14 -13.42 7.87
CA THR A 225 -13.30 -14.61 8.71
C THR A 225 -13.75 -14.37 10.14
N SER A 226 -13.25 -13.31 10.78
CA SER A 226 -13.64 -13.07 12.18
C SER A 226 -13.96 -11.65 12.60
N HIS A 227 -13.80 -10.67 11.73
CA HIS A 227 -14.06 -9.27 12.10
C HIS A 227 -15.11 -8.63 11.12
N TYR A 228 -16.20 -8.06 11.66
CA TYR A 228 -17.20 -7.40 10.86
C TYR A 228 -16.85 -5.94 10.61
N VAL A 229 -16.98 -5.49 9.36
CA VAL A 229 -16.84 -4.08 9.03
C VAL A 229 -18.01 -3.70 8.14
N ALA A 230 -18.13 -2.45 7.76
CA ALA A 230 -19.34 -2.03 7.07
C ALA A 230 -19.11 -1.05 5.97
N PHE A 231 -19.86 -1.20 4.90
CA PHE A 231 -19.87 -0.22 3.86
C PHE A 231 -21.25 0.41 3.88
N VAL A 232 -21.30 1.72 3.73
CA VAL A 232 -22.56 2.45 3.72
C VAL A 232 -22.68 3.45 2.57
N LYS A 233 -23.85 3.51 1.96
CA LYS A 233 -24.11 4.45 0.87
C LYS A 233 -24.79 5.60 1.48
N TYR A 234 -24.18 6.78 1.50
CA TYR A 234 -24.80 7.96 2.15
C TYR A 234 -25.46 8.96 1.16
N GLY A 235 -25.50 8.65 -0.13
CA GLY A 235 -26.14 9.51 -1.10
C GLY A 235 -26.39 8.74 -2.37
N SER A 236 -27.11 9.33 -3.30
CA SER A 236 -27.42 8.64 -4.53
C SER A 236 -26.18 8.57 -5.44
N ALA A 237 -25.22 9.48 -5.27
CA ALA A 237 -24.09 9.49 -6.21
C ALA A 237 -23.36 8.15 -6.11
N ASP A 238 -22.97 7.65 -7.28
CA ASP A 238 -22.15 6.46 -7.42
C ASP A 238 -20.96 6.38 -6.46
N SER A 239 -20.31 7.52 -6.22
CA SER A 239 -19.14 7.58 -5.37
C SER A 239 -19.45 7.76 -3.84
N ALA A 240 -20.72 7.84 -3.46
CA ALA A 240 -21.09 8.23 -2.07
C ALA A 240 -21.10 7.03 -1.15
N TRP A 241 -19.93 6.41 -0.97
CA TRP A 241 -19.73 5.25 -0.17
C TRP A 241 -18.74 5.57 0.95
N LEU A 242 -19.00 5.07 2.15
CA LEU A 242 -18.02 5.10 3.23
C LEU A 242 -17.73 3.70 3.74
N PHE A 243 -16.55 3.54 4.36
CA PHE A 243 -16.17 2.30 5.00
C PHE A 243 -15.89 2.54 6.48
N PHE A 244 -16.34 1.63 7.32
CA PHE A 244 -16.27 1.75 8.77
C PHE A 244 -15.69 0.52 9.36
N ASP A 245 -14.67 0.71 10.18
CA ASP A 245 -14.07 -0.37 10.95
C ASP A 245 -14.07 0.11 12.40
N SER A 246 -14.81 -0.56 13.25
CA SER A 246 -14.88 -0.17 14.68
C SER A 246 -13.57 -0.42 15.39
N MET A 247 -12.64 -1.11 14.73
CA MET A 247 -11.33 -1.41 15.31
C MET A 247 -10.18 -1.11 14.35
N ALA A 248 -10.16 0.07 13.78
CA ALA A 248 -9.20 0.44 12.74
C ALA A 248 -7.77 0.52 13.32
N ASP A 249 -7.70 0.94 14.56
CA ASP A 249 -6.46 1.09 15.23
C ASP A 249 -6.66 0.84 16.73
N ARG A 250 -5.56 0.71 17.45
CA ARG A 250 -5.60 0.52 18.89
C ARG A 250 -4.51 1.33 19.56
N ASP A 251 -4.85 1.82 20.74
CA ASP A 251 -3.97 2.58 21.59
C ASP A 251 -3.77 1.75 22.88
N GLY A 252 -2.55 1.66 23.43
CA GLY A 252 -2.32 0.95 24.72
C GLY A 252 -2.24 -0.57 24.58
N GLY A 253 -2.31 -1.30 25.70
CA GLY A 253 -2.10 -2.77 25.73
C GLY A 253 -3.23 -3.66 26.30
N GLN A 254 -3.42 -3.53 27.61
CA GLN A 254 -4.48 -4.22 28.35
C GLN A 254 -5.62 -3.26 28.48
N ASN A 255 -5.32 -2.14 29.11
CA ASN A 255 -6.30 -1.08 29.30
C ASN A 255 -6.32 -0.27 28.03
N GLY A 256 -5.79 -0.84 26.95
CA GLY A 256 -5.75 -0.15 25.71
C GLY A 256 -7.15 -0.16 25.15
N PHE A 257 -7.37 0.77 24.24
CA PHE A 257 -8.67 0.99 23.70
C PHE A 257 -8.58 1.07 22.19
N ASN A 258 -9.73 0.90 21.56
CA ASN A 258 -9.73 0.84 20.14
C ASN A 258 -10.13 2.15 19.60
N ILE A 259 -9.72 2.39 18.35
CA ILE A 259 -10.03 3.60 17.66
C ILE A 259 -10.71 3.21 16.38
N PRO A 260 -12.01 3.56 16.27
CA PRO A 260 -12.78 3.25 15.08
C PRO A 260 -12.45 4.29 13.99
N GLN A 261 -12.72 3.95 12.75
CA GLN A 261 -12.42 4.86 11.68
C GLN A 261 -13.49 4.79 10.63
N VAL A 262 -13.86 5.94 10.09
CA VAL A 262 -14.74 5.95 8.95
C VAL A 262 -13.99 6.61 7.83
N SER A 263 -14.02 6.02 6.62
CA SER A 263 -13.26 6.55 5.48
C SER A 263 -14.11 6.61 4.23
N ARG A 264 -13.91 7.65 3.45
CA ARG A 264 -14.51 7.71 2.10
C ARG A 264 -13.93 6.63 1.22
N CYS A 265 -14.76 5.85 0.54
CA CYS A 265 -14.22 4.87 -0.40
C CYS A 265 -14.94 4.95 -1.74
N PRO A 266 -14.77 6.11 -2.44
CA PRO A 266 -15.43 6.27 -3.75
C PRO A 266 -15.11 5.21 -4.79
N GLU A 267 -14.00 4.50 -4.65
CA GLU A 267 -13.65 3.45 -5.63
C GLU A 267 -14.73 2.43 -5.74
N VAL A 268 -15.41 2.17 -4.62
CA VAL A 268 -16.50 1.22 -4.63
C VAL A 268 -17.48 1.57 -5.76
N GLY A 269 -17.76 2.84 -5.91
CA GLY A 269 -18.69 3.29 -6.91
C GLY A 269 -18.17 2.96 -8.30
N GLU A 270 -16.86 3.05 -8.48
CA GLU A 270 -16.27 2.81 -9.80
C GLU A 270 -16.31 1.35 -10.15
N TYR A 271 -16.00 0.49 -9.20
CA TYR A 271 -16.05 -0.97 -9.46
C TYR A 271 -17.47 -1.44 -9.72
N LEU A 272 -18.47 -0.80 -9.12
CA LEU A 272 -19.84 -1.19 -9.33
C LEU A 272 -20.43 -0.62 -10.61
N LYS A 273 -19.66 0.14 -11.37
CA LYS A 273 -20.04 0.50 -12.77
C LYS A 273 -19.57 -0.55 -13.74
N MET A 274 -18.73 -1.46 -13.28
CA MET A 274 -18.21 -2.53 -14.12
C MET A 274 -19.18 -3.67 -14.05
N THR A 275 -19.05 -4.61 -14.97
CA THR A 275 -19.91 -5.79 -14.95
C THR A 275 -19.31 -6.89 -14.14
N PRO A 276 -20.15 -7.86 -13.75
CA PRO A 276 -19.69 -9.05 -13.05
C PRO A 276 -18.57 -9.76 -13.79
N GLU A 277 -18.67 -9.87 -15.11
CA GLU A 277 -17.64 -10.60 -15.82
C GLU A 277 -16.38 -9.77 -15.84
N GLU A 278 -16.46 -8.44 -15.86
CA GLU A 278 -15.23 -7.67 -15.75
C GLU A 278 -14.58 -7.84 -14.38
N LEU A 279 -15.41 -7.90 -13.34
CA LEU A 279 -14.92 -8.05 -11.98
C LEU A 279 -14.37 -9.46 -11.81
N HIS A 280 -15.03 -10.42 -12.41
CA HIS A 280 -14.55 -11.78 -12.35
C HIS A 280 -13.11 -11.93 -12.88
N ALA A 281 -12.82 -11.31 -14.03
CA ALA A 281 -11.46 -11.30 -14.64
C ALA A 281 -10.38 -10.52 -13.82
N LEU A 282 -10.81 -9.81 -12.79
CA LEU A 282 -9.91 -8.98 -12.04
C LEU A 282 -9.46 -9.72 -10.80
N ASP A 283 -8.16 -9.85 -10.66
CA ASP A 283 -7.65 -10.54 -9.52
C ASP A 283 -7.87 -9.70 -8.24
N PRO A 284 -8.41 -10.33 -7.18
CA PRO A 284 -8.73 -9.54 -5.98
C PRO A 284 -7.60 -8.63 -5.49
N LYS A 285 -6.34 -9.05 -5.71
CA LYS A 285 -5.18 -8.22 -5.34
C LYS A 285 -5.04 -6.94 -6.20
N ASN A 286 -5.67 -6.91 -7.37
CA ASN A 286 -5.67 -5.70 -8.20
C ASN A 286 -6.86 -4.73 -7.99
N ILE A 287 -7.68 -5.04 -6.99
CA ILE A 287 -8.86 -4.24 -6.70
C ILE A 287 -8.44 -3.25 -5.62
N GLN A 288 -8.69 -1.97 -5.87
CA GLN A 288 -8.10 -0.89 -5.07
C GLN A 288 -8.90 -0.49 -3.88
N GLY A 289 -8.21 0.12 -2.94
CA GLY A 289 -8.77 0.58 -1.71
C GLY A 289 -9.52 -0.53 -1.02
N TYR A 290 -10.66 -0.13 -0.45
CA TYR A 290 -11.48 -0.97 0.36
C TYR A 290 -12.47 -1.83 -0.47
N ALA A 291 -12.50 -1.62 -1.77
CA ALA A 291 -13.43 -2.31 -2.64
C ALA A 291 -13.31 -3.81 -2.63
N ARG A 292 -12.08 -4.32 -2.46
CA ARG A 292 -11.86 -5.73 -2.36
C ARG A 292 -12.80 -6.34 -1.36
N ARG A 293 -12.99 -5.70 -0.22
CA ARG A 293 -13.69 -6.33 0.87
C ARG A 293 -15.15 -6.31 0.62
N LEU A 294 -15.62 -5.23 0.02
CA LEU A 294 -17.03 -5.16 -0.40
C LEU A 294 -17.37 -6.23 -1.42
N LEU A 295 -16.49 -6.48 -2.38
CA LEU A 295 -16.77 -7.44 -3.44
C LEU A 295 -16.59 -8.91 -3.04
N CYS A 296 -15.64 -9.17 -2.16
CA CYS A 296 -15.23 -10.54 -1.78
C CYS A 296 -15.76 -11.00 -0.43
N ASP A 297 -16.06 -10.08 0.49
CA ASP A 297 -16.39 -10.47 1.87
C ASP A 297 -17.80 -10.15 2.32
N ALA A 298 -18.73 -10.04 1.40
CA ALA A 298 -20.06 -9.59 1.77
C ALA A 298 -20.74 -10.62 2.61
N TYR A 299 -21.41 -10.16 3.65
CA TYR A 299 -22.14 -11.02 4.51
C TYR A 299 -23.61 -10.72 4.43
N MET A 300 -23.96 -9.46 4.60
CA MET A 300 -25.36 -9.03 4.40
C MET A 300 -25.43 -7.79 3.51
N CYS A 301 -26.33 -7.81 2.53
CA CYS A 301 -26.65 -6.63 1.75
C CYS A 301 -27.96 -6.04 2.23
N MET A 302 -28.02 -4.73 2.43
CA MET A 302 -29.22 -4.14 3.00
C MET A 302 -29.88 -3.11 2.06
N TYR A 303 -31.16 -3.34 1.82
CA TYR A 303 -31.98 -2.59 0.86
C TYR A 303 -33.16 -1.88 1.52
N GLN A 304 -33.49 -0.71 1.01
CA GLN A 304 -34.57 0.09 1.58
C GLN A 304 -35.43 0.65 0.49
N SER A 305 -36.69 0.93 0.82
CA SER A 305 -37.56 1.82 0.02
C SER A 305 -36.82 3.08 -0.41
N PRO A 306 -36.81 3.37 -1.71
CA PRO A 306 -35.90 4.36 -2.21
C PRO A 306 -36.16 5.72 -1.62
N THR A 307 -35.16 6.30 -1.01
CA THR A 307 -35.26 7.67 -0.52
C THR A 307 -34.19 8.52 -1.16
N MET A 308 -32.99 7.96 -1.37
CA MET A 308 -31.85 8.72 -1.84
C MET A 308 -32.00 9.04 -3.31
N SER A 309 -32.63 8.15 -4.04
CA SER A 309 -32.59 8.29 -5.48
C SER A 309 -33.65 9.25 -6.02
N LEU A 310 -33.38 9.70 -7.22
CA LEU A 310 -34.28 10.56 -7.92
C LEU A 310 -34.69 9.75 -9.14
N TYR A 311 -35.98 9.46 -9.25
CA TYR A 311 -36.48 8.67 -10.36
C TYR A 311 -36.33 9.48 -11.64
N LYS A 312 -35.99 8.80 -12.73
CA LYS A 312 -35.75 9.45 -14.04
C LYS A 312 -36.04 8.54 -15.22
N MET B 1 -39.47 -41.78 9.96
CA MET B 1 -39.46 -41.18 8.59
C MET B 1 -38.11 -40.55 8.30
N GLN B 2 -37.86 -40.30 7.01
CA GLN B 2 -36.62 -39.68 6.59
C GLN B 2 -36.82 -38.23 6.11
N ILE B 3 -35.86 -37.38 6.48
CA ILE B 3 -35.76 -36.03 5.91
C ILE B 3 -34.35 -35.80 5.40
N PHE B 4 -34.22 -34.73 4.62
CA PHE B 4 -32.96 -34.41 3.95
C PHE B 4 -32.46 -33.06 4.45
N VAL B 5 -31.17 -32.94 4.68
CA VAL B 5 -30.64 -31.68 5.16
C VAL B 5 -29.54 -31.28 4.22
N LYS B 6 -29.80 -30.25 3.42
CA LYS B 6 -28.85 -29.82 2.40
C LYS B 6 -28.02 -28.68 2.91
N THR B 7 -26.71 -28.85 2.84
CA THR B 7 -25.80 -27.81 3.15
C THR B 7 -25.62 -26.96 1.92
N LEU B 8 -25.41 -25.69 2.19
CA LEU B 8 -24.94 -24.74 1.24
C LEU B 8 -23.70 -25.21 0.46
N THR B 9 -22.87 -26.07 1.07
CA THR B 9 -21.64 -26.58 0.41
C THR B 9 -21.93 -27.68 -0.59
N GLY B 10 -23.18 -28.13 -0.68
CA GLY B 10 -23.58 -29.09 -1.70
C GLY B 10 -23.84 -30.49 -1.18
N LYS B 11 -23.44 -30.79 0.07
CA LYS B 11 -23.69 -32.11 0.63
C LYS B 11 -25.12 -32.25 1.14
N THR B 12 -25.73 -33.37 0.81
CA THR B 12 -27.06 -33.68 1.29
C THR B 12 -26.92 -34.74 2.36
N ILE B 13 -27.57 -34.52 3.49
CA ILE B 13 -27.43 -35.38 4.64
C ILE B 13 -28.79 -35.89 5.02
N THR B 14 -28.90 -37.21 5.11
CA THR B 14 -30.18 -37.85 5.31
C THR B 14 -30.32 -38.23 6.78
N LEU B 15 -31.53 -38.09 7.32
CA LEU B 15 -31.78 -38.25 8.76
C LEU B 15 -33.08 -39.01 9.08
N GLU B 16 -32.98 -39.99 9.98
CA GLU B 16 -34.14 -40.71 10.51
C GLU B 16 -34.68 -39.84 11.67
N VAL B 17 -35.98 -39.58 11.64
CA VAL B 17 -36.61 -38.64 12.56
C VAL B 17 -38.09 -38.89 12.63
N GLU B 18 -38.73 -38.41 13.69
CA GLU B 18 -40.17 -38.55 13.90
C GLU B 18 -40.84 -37.20 13.82
N PRO B 19 -42.09 -37.16 13.31
CA PRO B 19 -42.89 -35.93 13.09
C PRO B 19 -42.98 -34.93 14.24
N SER B 20 -42.81 -35.39 15.49
CA SER B 20 -42.93 -34.52 16.66
C SER B 20 -41.59 -34.14 17.32
N ASP B 21 -40.46 -34.57 16.74
CA ASP B 21 -39.12 -34.19 17.26
C ASP B 21 -38.89 -32.69 17.25
N THR B 22 -38.05 -32.21 18.17
CA THR B 22 -37.69 -30.80 18.27
C THR B 22 -36.53 -30.42 17.33
N ILE B 23 -36.38 -29.12 17.07
CA ILE B 23 -35.32 -28.60 16.19
C ILE B 23 -33.98 -28.83 16.87
N GLU B 24 -33.97 -28.73 18.20
CA GLU B 24 -32.83 -29.11 19.03
C GLU B 24 -32.39 -30.54 18.70
N ASN B 25 -33.36 -31.45 18.69
CA ASN B 25 -33.09 -32.84 18.45
C ASN B 25 -32.40 -33.04 17.10
N VAL B 26 -32.96 -32.43 16.06
CA VAL B 26 -32.45 -32.60 14.69
C VAL B 26 -30.99 -32.15 14.64
N LYS B 27 -30.75 -30.97 15.20
CA LYS B 27 -29.40 -30.43 15.31
C LYS B 27 -28.40 -31.42 15.92
N ALA B 28 -28.82 -32.11 16.97
CA ALA B 28 -27.95 -33.04 17.66
C ALA B 28 -27.56 -34.17 16.70
N LYS B 29 -28.53 -34.70 15.98
CA LYS B 29 -28.27 -35.71 14.94
C LYS B 29 -27.23 -35.22 13.92
N ILE B 30 -27.40 -33.99 13.42
CA ILE B 30 -26.46 -33.41 12.49
C ILE B 30 -25.05 -33.34 13.08
N GLN B 31 -24.96 -33.00 14.36
CA GLN B 31 -23.66 -32.93 15.02
C GLN B 31 -22.99 -34.30 14.98
N ASP B 32 -23.72 -35.31 15.45
CA ASP B 32 -23.24 -36.67 15.46
C ASP B 32 -22.80 -37.13 14.08
N LYS B 33 -23.55 -36.71 13.05
CA LYS B 33 -23.31 -37.07 11.66
C LYS B 33 -22.15 -36.31 11.01
N GLU B 34 -22.00 -35.01 11.27
CA GLU B 34 -20.99 -34.18 10.58
C GLU B 34 -20.04 -33.40 11.48
N GLY B 35 -20.28 -33.41 12.79
CA GLY B 35 -19.41 -32.74 13.75
C GLY B 35 -19.58 -31.23 13.85
N ILE B 36 -20.73 -30.72 13.42
CA ILE B 36 -21.01 -29.29 13.53
C ILE B 36 -21.75 -29.02 14.85
N PRO B 37 -21.20 -28.17 15.72
CA PRO B 37 -21.92 -27.86 16.98
C PRO B 37 -23.29 -27.22 16.76
N PRO B 38 -24.29 -27.64 17.51
CA PRO B 38 -25.65 -27.13 17.33
C PRO B 38 -25.81 -25.62 17.41
N ASP B 39 -24.99 -24.95 18.22
CA ASP B 39 -25.11 -23.50 18.35
C ASP B 39 -24.69 -22.77 17.08
N GLN B 40 -23.97 -23.45 16.20
CA GLN B 40 -23.55 -22.92 14.90
C GLN B 40 -24.57 -23.18 13.81
N GLN B 41 -25.47 -24.11 14.06
CA GLN B 41 -26.39 -24.54 13.03
C GLN B 41 -27.65 -23.67 12.90
N ARG B 42 -27.94 -23.25 11.68
CA ARG B 42 -29.20 -22.60 11.33
C ARG B 42 -29.95 -23.43 10.29
N LEU B 43 -31.04 -24.03 10.74
CA LEU B 43 -31.91 -24.83 9.92
C LEU B 43 -33.09 -24.01 9.35
N ILE B 44 -33.34 -24.19 8.05
CA ILE B 44 -34.32 -23.40 7.32
C ILE B 44 -35.23 -24.30 6.53
N PHE B 45 -36.51 -23.97 6.50
CA PHE B 45 -37.49 -24.69 5.68
C PHE B 45 -38.42 -23.66 5.10
N ALA B 46 -38.54 -23.66 3.77
CA ALA B 46 -39.47 -22.76 3.11
C ALA B 46 -39.13 -21.30 3.44
N GLY B 47 -37.83 -21.01 3.47
CA GLY B 47 -37.35 -19.65 3.80
C GLY B 47 -37.45 -19.23 5.26
N LYS B 48 -37.92 -20.14 6.11
CA LYS B 48 -38.19 -19.88 7.53
C LYS B 48 -37.12 -20.48 8.45
N GLN B 49 -36.39 -19.63 9.17
CA GLN B 49 -35.46 -20.14 10.16
C GLN B 49 -36.23 -20.87 11.29
N LEU B 50 -35.82 -22.10 11.57
CA LEU B 50 -36.54 -22.96 12.52
C LEU B 50 -36.06 -22.80 13.95
N GLU B 51 -36.99 -22.51 14.86
CA GLU B 51 -36.65 -22.18 16.25
C GLU B 51 -36.50 -23.44 17.10
N ASP B 52 -35.59 -23.38 18.07
CA ASP B 52 -35.21 -24.54 18.91
C ASP B 52 -36.39 -25.21 19.65
N GLY B 53 -37.23 -24.41 20.30
CA GLY B 53 -38.32 -24.95 21.11
C GLY B 53 -39.53 -25.57 20.39
N ARG B 54 -39.57 -25.51 19.06
CA ARG B 54 -40.74 -26.01 18.31
C ARG B 54 -40.45 -27.37 17.69
N THR B 55 -41.47 -28.02 17.14
CA THR B 55 -41.34 -29.38 16.56
C THR B 55 -41.41 -29.38 15.02
N LEU B 56 -41.05 -30.49 14.39
CA LEU B 56 -41.18 -30.61 12.92
C LEU B 56 -42.64 -30.36 12.53
N SER B 57 -43.52 -31.10 13.21
CA SER B 57 -44.97 -30.90 13.16
C SER B 57 -45.36 -29.43 13.03
N ASP B 58 -44.80 -28.60 13.92
CA ASP B 58 -45.14 -27.17 14.01
C ASP B 58 -44.81 -26.35 12.76
N TYR B 59 -43.84 -26.82 11.97
CA TYR B 59 -43.48 -26.19 10.72
C TYR B 59 -44.00 -26.98 9.53
N ASN B 60 -44.80 -28.03 9.77
CA ASN B 60 -45.41 -28.87 8.72
C ASN B 60 -44.37 -29.60 7.85
N ILE B 61 -43.34 -30.08 8.52
CA ILE B 61 -42.27 -30.81 7.86
C ILE B 61 -42.63 -32.28 7.88
N GLN B 62 -42.63 -32.91 6.70
CA GLN B 62 -43.02 -34.32 6.64
C GLN B 62 -42.07 -35.19 5.80
N LYS B 63 -42.49 -36.44 5.67
CA LYS B 63 -41.89 -37.43 4.79
C LYS B 63 -41.18 -36.80 3.60
N GLU B 64 -39.92 -37.17 3.44
CA GLU B 64 -39.11 -36.74 2.30
C GLU B 64 -38.84 -35.21 2.23
N SER B 65 -39.09 -34.46 3.31
CA SER B 65 -38.85 -33.01 3.28
C SER B 65 -37.36 -32.70 3.28
N THR B 66 -36.99 -31.65 2.57
CA THR B 66 -35.61 -31.19 2.53
C THR B 66 -35.47 -29.91 3.35
N LEU B 67 -34.47 -29.88 4.22
CA LEU B 67 -34.13 -28.72 5.00
C LEU B 67 -32.84 -28.11 4.50
N HIS B 68 -32.68 -26.82 4.73
CA HIS B 68 -31.44 -26.12 4.43
C HIS B 68 -30.64 -25.92 5.74
N LEU B 69 -29.35 -26.23 5.70
CA LEU B 69 -28.46 -25.91 6.78
C LEU B 69 -27.43 -24.89 6.33
N VAL B 70 -27.33 -23.83 7.11
CA VAL B 70 -26.27 -22.82 6.99
C VAL B 70 -25.69 -22.61 8.37
N LEU B 71 -24.42 -22.27 8.42
CA LEU B 71 -23.69 -22.10 9.68
C LEU B 71 -23.59 -20.65 10.12
N ARG B 72 -23.74 -20.40 11.43
CA ARG B 72 -23.54 -19.07 11.98
C ARG B 72 -22.14 -18.66 11.63
N LEU B 73 -21.95 -17.34 11.53
CA LEU B 73 -20.68 -16.78 11.05
C LEU B 73 -20.21 -15.72 12.07
N ARG B 74 -19.66 -16.26 13.13
CA ARG B 74 -19.39 -15.44 14.26
C ARG B 74 -18.16 -14.56 14.03
N GLY B 75 -18.16 -13.36 14.56
CA GLY B 75 -17.00 -12.47 14.43
C GLY B 75 -17.10 -11.34 15.44
N GLY B 76 -16.12 -10.45 15.46
CA GLY B 76 -16.07 -9.44 16.48
C GLY B 76 -14.75 -8.66 16.52
N MET B 77 -13.67 -9.25 16.03
CA MET B 77 -12.38 -8.60 16.19
C MET B 77 -11.27 -9.02 15.19
N GLN B 78 -10.16 -8.37 15.45
CA GLN B 78 -9.07 -8.22 14.57
C GLN B 78 -7.94 -8.04 15.57
N ILE B 79 -6.79 -8.70 15.42
CA ILE B 79 -5.64 -8.39 16.30
C ILE B 79 -4.80 -7.40 15.58
N PHE B 80 -3.89 -6.80 16.33
CA PHE B 80 -2.95 -5.85 15.77
C PHE B 80 -1.52 -6.35 15.92
N VAL B 81 -0.75 -6.27 14.84
CA VAL B 81 0.65 -6.53 14.90
C VAL B 81 1.39 -5.23 14.62
N LYS B 82 2.13 -4.74 15.61
CA LYS B 82 2.87 -3.49 15.50
C LYS B 82 4.38 -3.70 15.29
N THR B 83 4.96 -2.81 14.51
CA THR B 83 6.40 -2.69 14.38
C THR B 83 6.81 -1.59 15.36
N LEU B 84 8.11 -1.43 15.57
CA LEU B 84 8.62 -0.46 16.55
C LEU B 84 8.50 0.98 16.09
N THR B 85 8.50 1.17 14.78
CA THR B 85 8.32 2.49 14.21
C THR B 85 6.91 3.01 14.47
N GLY B 86 6.00 2.13 14.88
CA GLY B 86 4.63 2.52 15.22
C GLY B 86 3.62 2.07 14.16
N LYS B 87 4.10 1.56 13.02
CA LYS B 87 3.22 1.06 11.94
C LYS B 87 2.45 -0.16 12.40
N THR B 88 1.19 -0.22 12.00
CA THR B 88 0.29 -1.22 12.50
C THR B 88 -0.27 -2.03 11.36
N ILE B 89 -0.37 -3.34 11.55
CA ILE B 89 -1.11 -4.14 10.63
C ILE B 89 -2.06 -5.08 11.34
N THR B 90 -3.21 -5.23 10.73
CA THR B 90 -4.29 -5.93 11.35
C THR B 90 -4.49 -7.25 10.68
N LEU B 91 -5.02 -8.19 11.45
CA LEU B 91 -5.16 -9.55 11.00
C LEU B 91 -6.45 -10.06 11.55
N GLU B 92 -7.14 -10.90 10.78
CA GLU B 92 -8.29 -11.65 11.29
C GLU B 92 -7.89 -13.07 11.68
N VAL B 93 -8.19 -13.45 12.90
CA VAL B 93 -7.73 -14.68 13.46
C VAL B 93 -8.77 -15.21 14.45
N GLU B 94 -8.63 -16.51 14.72
CA GLU B 94 -9.26 -17.14 15.86
C GLU B 94 -8.23 -17.41 16.97
N PRO B 95 -8.70 -17.53 18.22
CA PRO B 95 -7.90 -18.04 19.37
C PRO B 95 -7.16 -19.34 19.07
N SER B 96 -7.82 -20.19 18.32
CA SER B 96 -7.29 -21.49 17.95
C SER B 96 -6.31 -21.45 16.77
N ASP B 97 -6.10 -20.30 16.15
CA ASP B 97 -5.04 -20.19 15.15
C ASP B 97 -3.66 -20.46 15.75
N THR B 98 -2.87 -21.29 15.10
CA THR B 98 -1.46 -21.47 15.48
C THR B 98 -0.63 -20.22 15.23
N ILE B 99 0.50 -20.07 15.92
CA ILE B 99 1.42 -18.96 15.60
C ILE B 99 1.96 -19.12 14.18
N GLU B 100 2.22 -20.36 13.78
CA GLU B 100 2.62 -20.64 12.41
C GLU B 100 1.69 -19.96 11.43
N ASN B 101 0.39 -20.26 11.50
CA ASN B 101 -0.48 -19.68 10.51
C ASN B 101 -0.79 -18.19 10.72
N VAL B 102 -0.55 -17.63 11.91
CA VAL B 102 -0.58 -16.18 12.02
C VAL B 102 0.54 -15.59 11.18
N LYS B 103 1.71 -16.21 11.23
CA LYS B 103 2.83 -15.78 10.39
C LYS B 103 2.48 -15.97 8.93
N ALA B 104 1.94 -17.15 8.59
CA ALA B 104 1.46 -17.40 7.23
C ALA B 104 0.49 -16.30 6.77
N LYS B 105 -0.38 -15.77 7.66
CA LYS B 105 -1.25 -14.63 7.30
C LYS B 105 -0.44 -13.37 7.06
N ILE B 106 0.65 -13.20 7.80
CA ILE B 106 1.52 -12.05 7.60
C ILE B 106 2.30 -12.18 6.28
N GLN B 107 2.66 -13.42 5.91
CA GLN B 107 3.33 -13.66 4.64
C GLN B 107 2.39 -13.32 3.51
N ASP B 108 1.14 -13.75 3.66
CA ASP B 108 0.10 -13.45 2.71
C ASP B 108 -0.19 -11.92 2.61
N LYS B 109 -0.24 -11.19 3.72
CA LYS B 109 -0.58 -9.72 3.68
C LYS B 109 0.55 -8.81 3.20
N GLU B 110 1.62 -8.83 3.96
CA GLU B 110 2.82 -8.06 3.65
C GLU B 110 3.63 -9.18 3.04
N GLY B 111 4.87 -8.98 2.61
CA GLY B 111 5.55 -10.05 1.88
C GLY B 111 6.27 -11.09 2.72
N ILE B 112 6.26 -10.93 4.03
CA ILE B 112 7.37 -11.44 4.83
C ILE B 112 7.30 -12.93 5.07
N PRO B 113 8.43 -13.63 4.85
CA PRO B 113 8.42 -15.05 5.18
C PRO B 113 8.48 -15.35 6.70
N PRO B 114 7.67 -16.32 7.18
CA PRO B 114 7.64 -16.78 8.58
C PRO B 114 9.00 -17.11 9.21
N ASP B 115 9.96 -17.56 8.41
CA ASP B 115 11.32 -17.84 8.91
C ASP B 115 11.97 -16.52 9.42
N GLN B 116 11.57 -15.39 8.83
CA GLN B 116 12.09 -14.07 9.17
C GLN B 116 11.22 -13.28 10.18
N GLN B 117 10.12 -13.89 10.63
CA GLN B 117 9.21 -13.23 11.55
C GLN B 117 9.41 -13.62 13.01
N ARG B 118 9.70 -12.62 13.85
CA ARG B 118 9.69 -12.85 15.27
C ARG B 118 8.47 -12.14 15.83
N LEU B 119 7.53 -12.93 16.31
CA LEU B 119 6.32 -12.41 16.93
C LEU B 119 6.44 -12.40 18.44
N ILE B 120 6.19 -11.24 19.05
CA ILE B 120 6.25 -11.08 20.51
C ILE B 120 4.90 -10.66 21.13
N PHE B 121 4.57 -11.29 22.28
CA PHE B 121 3.41 -10.89 23.09
C PHE B 121 3.71 -10.95 24.58
N ALA B 122 3.38 -9.90 25.30
CA ALA B 122 3.65 -9.80 26.76
C ALA B 122 5.12 -10.06 27.04
N GLY B 123 5.96 -9.48 26.18
CA GLY B 123 7.39 -9.63 26.25
C GLY B 123 7.93 -10.99 25.85
N LYS B 124 7.05 -11.95 25.57
CA LYS B 124 7.50 -13.30 25.21
C LYS B 124 7.46 -13.51 23.73
N GLN B 125 8.49 -14.16 23.24
CA GLN B 125 8.57 -14.62 21.87
C GLN B 125 7.59 -15.75 21.63
N LEU B 126 6.88 -15.72 20.50
CA LEU B 126 5.80 -16.68 20.28
C LEU B 126 6.26 -17.86 19.44
N GLU B 127 5.95 -19.08 19.91
CA GLU B 127 6.46 -20.30 19.29
C GLU B 127 5.42 -20.87 18.31
N ASP B 128 5.88 -21.35 17.15
CA ASP B 128 5.02 -21.71 16.00
C ASP B 128 3.90 -22.74 16.22
N GLY B 129 4.18 -23.75 17.04
CA GLY B 129 3.23 -24.81 17.27
C GLY B 129 2.12 -24.44 18.25
N ARG B 130 2.33 -23.42 19.07
CA ARG B 130 1.27 -22.97 19.98
C ARG B 130 0.22 -22.11 19.26
N THR B 131 -0.89 -21.90 19.95
CA THR B 131 -1.99 -21.13 19.47
C THR B 131 -1.97 -19.80 20.19
N LEU B 132 -2.70 -18.88 19.62
CA LEU B 132 -2.97 -17.60 20.27
C LEU B 132 -3.63 -17.76 21.65
N SER B 133 -4.52 -18.75 21.77
CA SER B 133 -5.20 -19.05 23.02
C SER B 133 -4.25 -19.54 24.13
N ASP B 134 -3.18 -20.23 23.76
CA ASP B 134 -2.16 -20.63 24.73
C ASP B 134 -1.61 -19.39 25.43
N TYR B 135 -1.43 -18.31 24.69
CA TYR B 135 -0.90 -17.05 25.23
C TYR B 135 -1.97 -16.06 25.70
N ASN B 136 -3.20 -16.54 25.88
CA ASN B 136 -4.31 -15.76 26.46
C ASN B 136 -4.62 -14.52 25.63
N ILE B 137 -4.58 -14.71 24.31
CA ILE B 137 -4.99 -13.74 23.36
C ILE B 137 -6.41 -14.20 22.94
N GLN B 138 -7.47 -13.60 23.49
CA GLN B 138 -8.89 -14.04 23.26
C GLN B 138 -9.83 -12.92 22.69
N LYS B 139 -9.25 -11.83 22.25
CA LYS B 139 -9.97 -10.74 21.67
C LYS B 139 -8.89 -9.87 21.11
N GLU B 140 -9.29 -8.76 20.51
CA GLU B 140 -8.37 -7.84 19.91
C GLU B 140 -7.21 -7.47 20.85
N SER B 141 -6.00 -7.68 20.38
CA SER B 141 -4.80 -7.59 21.21
C SER B 141 -3.69 -7.09 20.33
N THR B 142 -2.57 -6.77 20.95
CA THR B 142 -1.43 -6.26 20.21
C THR B 142 -0.22 -7.18 20.34
N LEU B 143 0.31 -7.63 19.21
CA LEU B 143 1.58 -8.34 19.15
C LEU B 143 2.64 -7.38 18.61
N HIS B 144 3.91 -7.62 18.92
CA HIS B 144 5.00 -6.90 18.25
C HIS B 144 5.62 -7.82 17.23
N LEU B 145 5.97 -7.24 16.08
CA LEU B 145 6.72 -7.96 15.05
C LEU B 145 8.09 -7.34 14.96
N VAL B 146 9.11 -8.15 15.18
CA VAL B 146 10.51 -7.76 14.94
C VAL B 146 11.08 -8.65 13.83
N LEU B 147 11.94 -8.04 13.02
CA LEU B 147 12.46 -8.71 11.81
C LEU B 147 13.81 -9.40 12.03
N ARG B 148 13.92 -10.59 11.47
CA ARG B 148 15.17 -11.32 11.38
C ARG B 148 15.61 -11.45 9.92
N GLY C 4 22.05 -16.91 -12.67
CA GLY C 4 21.34 -16.68 -13.95
C GLY C 4 20.73 -15.28 -14.04
N LEU C 5 20.68 -14.77 -15.25
CA LEU C 5 20.04 -13.50 -15.53
C LEU C 5 18.58 -13.48 -15.03
N GLU C 6 17.84 -14.56 -15.28
CA GLU C 6 16.40 -14.56 -15.02
C GLU C 6 16.03 -14.55 -13.52
N VAL C 7 16.97 -14.80 -12.62
CA VAL C 7 16.70 -14.57 -11.20
C VAL C 7 16.67 -13.08 -10.87
N MET C 8 17.25 -12.25 -11.73
CA MET C 8 17.43 -10.83 -11.48
C MET C 8 16.29 -10.01 -11.99
N VAL C 9 15.52 -10.57 -12.91
CA VAL C 9 14.54 -9.81 -13.67
C VAL C 9 13.13 -10.08 -13.18
N GLY C 10 12.31 -9.05 -13.11
CA GLY C 10 10.92 -9.18 -12.69
C GLY C 10 10.45 -8.12 -11.68
N LYS C 11 9.18 -8.21 -11.38
CA LYS C 11 8.58 -7.43 -10.32
C LYS C 11 9.04 -8.01 -8.99
N LYS C 12 9.20 -7.16 -8.00
CA LYS C 12 9.76 -7.57 -6.71
C LYS C 12 11.18 -8.09 -6.88
N LYS C 13 11.96 -7.37 -7.70
CA LYS C 13 13.36 -7.67 -7.87
C LYS C 13 14.17 -6.40 -7.74
N GLY C 14 15.44 -6.57 -7.34
CA GLY C 14 16.31 -5.45 -7.06
C GLY C 14 16.29 -5.14 -5.57
N ILE C 15 16.71 -3.92 -5.22
CA ILE C 15 16.75 -3.42 -3.90
C ILE C 15 15.48 -2.62 -3.62
N GLN C 16 14.68 -3.10 -2.68
CA GLN C 16 13.46 -2.46 -2.29
C GLN C 16 13.78 -1.08 -1.67
N GLY C 17 13.22 -0.04 -2.24
CA GLY C 17 13.42 1.29 -1.70
C GLY C 17 12.48 1.56 -0.54
N HIS C 18 12.85 2.54 0.27
CA HIS C 18 12.03 3.01 1.34
C HIS C 18 12.54 4.39 1.80
N TYR C 19 11.65 5.38 1.85
CA TYR C 19 11.92 6.73 2.47
C TYR C 19 13.23 7.40 2.08
N ASN C 20 13.20 7.94 0.86
CA ASN C 20 14.27 8.71 0.27
C ASN C 20 15.52 7.87 0.02
N SER C 21 15.38 6.56 -0.14
CA SER C 21 16.53 5.71 -0.24
C SER C 21 17.12 5.59 -1.63
N SER C 22 16.44 6.12 -2.64
CA SER C 22 16.80 5.76 -4.02
C SER C 22 18.24 6.02 -4.35
N TYR C 23 18.83 7.07 -3.81
CA TYR C 23 20.21 7.39 -4.04
C TYR C 23 21.16 6.27 -3.67
N LEU C 24 20.82 5.51 -2.66
CA LEU C 24 21.64 4.46 -2.17
C LEU C 24 21.33 3.17 -2.93
N ASP C 25 20.03 2.88 -3.07
CA ASP C 25 19.57 1.68 -3.75
C ASP C 25 20.19 1.58 -5.13
N SER C 26 20.04 2.64 -5.88
CA SER C 26 20.44 2.67 -7.25
C SER C 26 21.94 2.61 -7.39
N THR C 27 22.63 3.25 -6.51
CA THR C 27 24.06 3.25 -6.73
C THR C 27 24.60 1.85 -6.42
N LEU C 28 24.07 1.20 -5.39
CA LEU C 28 24.48 -0.14 -5.07
C LEU C 28 24.10 -1.07 -6.17
N PHE C 29 22.91 -0.90 -6.69
CA PHE C 29 22.53 -1.71 -7.84
C PHE C 29 23.48 -1.47 -9.03
N CYS C 30 23.78 -0.24 -9.37
CA CYS C 30 24.71 -0.02 -10.46
C CYS C 30 26.02 -0.72 -10.23
N LEU C 31 26.52 -0.61 -9.01
CA LEU C 31 27.92 -0.94 -8.74
C LEU C 31 28.13 -2.41 -8.51
N PHE C 32 27.08 -3.15 -8.12
CA PHE C 32 27.23 -4.56 -7.73
C PHE C 32 26.29 -5.58 -8.36
N SER C 33 25.25 -5.14 -9.06
CA SER C 33 24.32 -6.10 -9.52
C SER C 33 25.02 -7.04 -10.52
N PHE C 34 25.84 -6.48 -11.41
CA PHE C 34 26.55 -7.33 -12.35
C PHE C 34 28.01 -7.06 -12.47
N SER C 35 28.45 -5.84 -12.25
CA SER C 35 29.87 -5.60 -12.30
C SER C 35 30.55 -6.23 -11.09
N SER C 36 31.81 -6.53 -11.30
CA SER C 36 32.66 -6.89 -10.21
C SER C 36 33.79 -5.92 -10.06
N VAL C 37 33.75 -4.77 -10.70
CA VAL C 37 34.88 -3.84 -10.52
C VAL C 37 35.29 -3.53 -9.11
N LEU C 38 34.36 -3.42 -8.19
CA LEU C 38 34.70 -3.05 -6.83
C LEU C 38 34.53 -4.18 -5.87
N ASP C 39 34.40 -5.39 -6.39
CA ASP C 39 34.22 -6.53 -5.52
C ASP C 39 35.26 -6.57 -4.40
N THR C 40 36.52 -6.23 -4.67
CA THR C 40 37.52 -6.43 -3.65
C THR C 40 37.21 -5.62 -2.39
N VAL C 41 36.62 -4.47 -2.57
CA VAL C 41 36.17 -3.66 -1.44
C VAL C 41 35.32 -4.45 -0.41
N LEU C 42 34.59 -5.44 -0.89
CA LEU C 42 33.80 -6.26 -0.01
C LEU C 42 34.59 -7.40 0.60
N LEU C 43 35.89 -7.42 0.33
CA LEU C 43 36.66 -8.63 0.55
C LEU C 43 37.93 -8.42 1.35
N ARG C 44 38.41 -7.19 1.44
CA ARG C 44 39.65 -6.95 2.12
C ARG C 44 39.47 -7.17 3.64
N PRO C 45 40.33 -8.03 4.24
CA PRO C 45 40.28 -8.20 5.70
C PRO C 45 40.51 -6.93 6.47
N ARG C 46 39.81 -6.88 7.60
CA ARG C 46 39.96 -5.80 8.56
C ARG C 46 41.40 -5.69 9.00
N SER C 47 41.92 -4.49 8.97
CA SER C 47 43.21 -4.21 9.58
C SER C 47 43.03 -3.34 10.83
N LYS C 48 44.08 -3.17 11.63
CA LYS C 48 44.08 -2.21 12.74
C LYS C 48 43.99 -0.76 12.27
N THR C 49 44.47 -0.50 11.07
CA THR C 49 44.25 0.78 10.43
C THR C 49 42.78 1.03 10.07
N ASP C 50 41.92 0.03 10.18
CA ASP C 50 40.53 0.25 9.79
C ASP C 50 39.77 0.88 10.94
N VAL C 51 38.80 1.65 10.53
CA VAL C 51 38.05 2.46 11.42
C VAL C 51 36.92 1.60 12.02
N GLU C 52 36.25 2.14 13.01
CA GLU C 52 35.15 1.47 13.66
C GLU C 52 34.01 1.31 12.62
N TYR C 53 33.35 0.16 12.65
CA TYR C 53 32.31 -0.21 11.68
C TYR C 53 32.83 -0.82 10.41
N TYR C 54 34.13 -0.79 10.19
CA TYR C 54 34.66 -1.39 9.00
C TYR C 54 34.03 -2.73 8.78
N LYS C 55 34.12 -3.60 9.77
CA LYS C 55 33.73 -4.95 9.56
C LYS C 55 32.21 -5.11 9.47
N GLU C 56 31.48 -4.49 10.37
CA GLU C 56 30.06 -4.67 10.33
C GLU C 56 29.50 -4.17 8.99
N THR C 57 30.08 -3.10 8.48
CA THR C 57 29.67 -2.56 7.22
C THR C 57 30.03 -3.47 6.02
N GLN C 58 31.26 -3.95 5.99
CA GLN C 58 31.68 -4.85 4.94
C GLN C 58 30.84 -6.09 4.94
N GLU C 59 30.58 -6.61 6.12
CA GLU C 59 29.86 -7.84 6.24
C GLU C 59 28.41 -7.65 5.85
N LEU C 60 27.82 -6.57 6.24
CA LEU C 60 26.46 -6.25 5.83
C LEU C 60 26.35 -6.18 4.29
N LEU C 61 27.27 -5.48 3.66
CA LEU C 61 27.24 -5.32 2.20
C LEU C 61 27.37 -6.63 1.44
N ARG C 62 28.40 -7.39 1.77
CA ARG C 62 28.66 -8.67 1.15
C ARG C 62 27.56 -9.69 1.39
N THR C 63 27.12 -9.78 2.62
CA THR C 63 26.44 -10.93 3.08
C THR C 63 24.91 -10.71 3.13
N GLU C 64 24.49 -9.47 3.42
CA GLU C 64 23.08 -9.16 3.46
C GLU C 64 22.61 -8.37 2.29
N ILE C 65 23.49 -7.83 1.49
CA ILE C 65 23.03 -7.02 0.39
C ILE C 65 23.45 -7.61 -0.97
N VAL C 66 24.74 -7.68 -1.26
CA VAL C 66 25.21 -8.07 -2.56
C VAL C 66 25.00 -9.54 -2.85
N ASN C 67 25.42 -10.43 -1.93
CA ASN C 67 25.24 -11.83 -2.23
C ASN C 67 23.77 -12.16 -2.48
N PRO C 68 22.86 -11.76 -1.60
CA PRO C 68 21.43 -12.00 -1.88
C PRO C 68 20.91 -11.32 -3.14
N LEU C 69 21.42 -10.16 -3.44
CA LEU C 69 20.98 -9.51 -4.65
C LEU C 69 21.34 -10.44 -5.83
N ARG C 70 22.58 -10.91 -5.85
CA ARG C 70 23.08 -11.74 -6.91
C ARG C 70 22.51 -13.15 -6.94
N ILE C 71 22.27 -13.80 -5.79
CA ILE C 71 21.70 -15.16 -5.87
C ILE C 71 20.17 -15.21 -5.83
N HIS C 72 19.52 -14.33 -5.09
CA HIS C 72 18.04 -14.31 -5.06
C HIS C 72 17.37 -13.24 -5.94
N GLY C 73 18.12 -12.21 -6.33
CA GLY C 73 17.60 -11.14 -7.18
C GLY C 73 16.84 -10.07 -6.43
N TYR C 74 16.95 -10.09 -5.10
CA TYR C 74 16.14 -9.25 -4.25
C TYR C 74 16.76 -8.96 -2.88
N VAL C 75 16.61 -7.70 -2.44
CA VAL C 75 17.06 -7.19 -1.19
C VAL C 75 16.02 -6.26 -0.55
N CYS C 76 15.57 -6.61 0.64
CA CYS C 76 14.56 -5.78 1.29
C CYS C 76 15.15 -4.51 1.91
N ALA C 77 14.27 -3.53 2.02
CA ALA C 77 14.62 -2.21 2.50
C ALA C 77 15.19 -2.26 3.94
N THR C 78 14.87 -3.26 4.71
CA THR C 78 15.41 -3.33 6.10
C THR C 78 16.96 -3.37 6.15
N LYS C 79 17.56 -4.07 5.19
CA LYS C 79 18.99 -4.23 5.13
C LYS C 79 19.65 -2.96 4.73
N ILE C 80 19.01 -2.22 3.84
CA ILE C 80 19.54 -0.92 3.44
C ILE C 80 19.45 0.06 4.58
N MET C 81 18.37 -0.04 5.33
CA MET C 81 18.16 0.74 6.53
C MET C 81 19.22 0.42 7.59
N LYS C 82 19.65 -0.82 7.67
CA LYS C 82 20.79 -1.08 8.54
C LYS C 82 22.06 -0.34 8.09
N LEU C 83 22.28 -0.27 6.78
CA LEU C 83 23.44 0.42 6.25
C LEU C 83 23.33 1.90 6.54
N ARG C 84 22.17 2.44 6.31
CA ARG C 84 21.95 3.83 6.57
C ARG C 84 22.20 4.23 8.01
N ARG C 85 21.81 3.39 8.95
CA ARG C 85 22.13 3.66 10.39
C ARG C 85 23.64 3.72 10.62
N ILE C 86 24.36 2.75 10.07
CA ILE C 86 25.79 2.82 10.21
C ILE C 86 26.31 4.13 9.64
N LEU C 87 25.82 4.51 8.48
CA LEU C 87 26.21 5.76 7.87
C LEU C 87 25.94 6.89 8.85
N GLU C 88 24.73 6.92 9.41
CA GLU C 88 24.35 7.98 10.38
C GLU C 88 25.21 7.98 11.63
N LYS C 89 25.75 6.84 12.02
CA LYS C 89 26.66 6.79 13.19
C LYS C 89 28.05 7.31 12.90
N VAL C 90 28.43 7.31 11.61
CA VAL C 90 29.72 7.82 11.20
C VAL C 90 29.59 9.30 10.96
N GLU C 91 28.47 9.72 10.40
CA GLU C 91 28.21 11.15 10.23
C GLU C 91 26.84 11.54 10.79
N ALA C 92 26.82 11.85 12.09
CA ALA C 92 25.58 12.18 12.79
C ALA C 92 24.87 13.40 12.18
N ALA C 93 23.55 13.48 12.40
CA ALA C 93 22.75 14.66 12.05
C ALA C 93 22.97 15.11 10.61
N SER C 94 23.08 14.16 9.68
CA SER C 94 23.23 14.47 8.27
C SER C 94 22.18 13.74 7.47
N GLY C 95 21.19 13.19 8.19
CA GLY C 95 19.98 12.62 7.62
C GLY C 95 20.17 11.36 6.82
N PHE C 96 21.17 10.59 7.15
CA PHE C 96 21.41 9.38 6.38
C PHE C 96 20.30 8.33 6.52
N THR C 97 19.46 8.41 7.54
CA THR C 97 18.35 7.49 7.69
C THR C 97 17.04 8.02 7.22
N SER C 98 16.93 9.30 6.88
CA SER C 98 15.63 9.79 6.42
C SER C 98 15.61 10.76 5.22
N GLU C 99 16.72 11.42 4.94
CA GLU C 99 16.71 12.55 4.01
C GLU C 99 17.23 12.20 2.62
N GLN C 100 16.78 12.98 1.63
CA GLN C 100 17.35 12.91 0.31
C GLN C 100 18.85 13.19 0.41
N LYS C 101 19.65 12.36 -0.23
CA LYS C 101 21.05 12.63 -0.36
C LYS C 101 21.56 12.34 -1.77
N ASP C 102 22.77 12.80 -2.04
CA ASP C 102 23.44 12.67 -3.34
C ASP C 102 24.18 11.34 -3.31
N PRO C 103 24.20 10.57 -4.41
CA PRO C 103 25.12 9.42 -4.46
C PRO C 103 26.58 9.71 -4.12
N GLU C 104 27.07 10.84 -4.60
CA GLU C 104 28.39 11.38 -4.22
C GLU C 104 28.60 11.36 -2.72
N GLU C 105 27.64 11.92 -1.97
CA GLU C 105 27.72 11.89 -0.52
C GLU C 105 27.83 10.50 -0.03
N PHE C 106 27.03 9.62 -0.63
CA PHE C 106 26.99 8.25 -0.19
C PHE C 106 28.34 7.57 -0.48
N LEU C 107 28.83 7.74 -1.71
CA LEU C 107 30.12 7.20 -2.06
C LEU C 107 31.25 7.68 -1.14
N ASN C 108 31.26 8.96 -0.78
CA ASN C 108 32.35 9.50 -0.02
C ASN C 108 32.34 8.97 1.41
N ILE C 109 31.18 8.95 2.06
CA ILE C 109 31.16 8.41 3.42
C ILE C 109 31.57 6.95 3.37
N LEU C 110 31.00 6.18 2.46
CA LEU C 110 31.18 4.73 2.47
C LEU C 110 32.61 4.34 2.11
N PHE C 111 33.08 4.86 1.00
CA PHE C 111 34.41 4.55 0.52
C PHE C 111 35.51 5.26 1.24
N HIS C 112 35.35 6.53 1.54
CA HIS C 112 36.42 7.23 2.16
C HIS C 112 36.49 7.00 3.67
N HIS C 113 35.40 7.25 4.38
CA HIS C 113 35.43 7.16 5.81
C HIS C 113 35.38 5.70 6.29
N ILE C 114 34.47 4.87 5.80
CA ILE C 114 34.26 3.56 6.41
C ILE C 114 35.14 2.44 5.86
N LEU C 115 34.95 2.07 4.60
CA LEU C 115 35.82 1.04 3.99
C LEU C 115 36.89 2.00 3.69
N ARG C 116 38.10 1.65 3.42
CA ARG C 116 39.00 2.81 3.23
C ARG C 116 39.58 2.65 1.90
N VAL C 117 38.72 2.82 0.93
CA VAL C 117 39.05 2.42 -0.44
C VAL C 117 40.08 3.41 -0.95
N ASP C 118 41.11 2.89 -1.57
CA ASP C 118 42.09 3.76 -2.20
C ASP C 118 41.35 4.53 -3.26
N PRO C 119 41.68 5.81 -3.41
CA PRO C 119 40.95 6.65 -4.37
C PRO C 119 40.85 6.02 -5.73
N LEU C 120 39.69 6.11 -6.33
CA LEU C 120 39.48 5.53 -7.66
C LEU C 120 40.16 6.30 -8.76
N LEU C 121 40.30 7.61 -8.57
CA LEU C 121 40.83 8.50 -9.61
C LEU C 121 41.98 9.31 -9.05
N ARG C 122 43.05 9.42 -9.82
CA ARG C 122 44.20 10.29 -9.43
C ARG C 122 44.42 11.24 -10.56
N LEU C 123 44.19 12.51 -10.29
CA LEU C 123 44.16 13.48 -11.36
C LEU C 123 45.14 14.55 -11.03
N ARG C 124 45.71 15.12 -12.07
CA ARG C 124 46.70 16.14 -11.90
C ARG C 124 46.28 17.32 -12.76
N SER C 125 46.08 18.47 -12.14
CA SER C 125 45.86 19.70 -12.86
C SER C 125 47.24 20.19 -13.20
N ALA C 126 47.47 20.58 -14.45
CA ALA C 126 48.85 20.75 -14.97
C ALA C 126 49.84 21.38 -13.99
N GLY C 127 51.01 20.75 -13.87
CA GLY C 127 52.10 21.23 -13.02
C GLY C 127 51.97 20.98 -11.52
N GLN C 128 50.75 20.67 -11.05
CA GLN C 128 50.39 20.70 -9.65
C GLN C 128 50.35 19.30 -9.02
N LYS C 129 50.00 19.19 -7.74
CA LYS C 129 50.02 17.89 -7.06
C LYS C 129 48.78 17.09 -7.43
N VAL C 130 48.85 15.77 -7.38
CA VAL C 130 47.69 14.93 -7.68
C VAL C 130 46.59 15.17 -6.66
N GLN C 131 45.35 15.15 -7.13
CA GLN C 131 44.20 15.17 -6.26
C GLN C 131 43.59 13.77 -6.31
N ASP C 132 43.03 13.33 -5.21
CA ASP C 132 42.40 12.02 -5.10
C ASP C 132 40.89 12.20 -5.12
N CYS C 133 40.18 11.32 -5.82
CA CYS C 133 38.74 11.29 -5.68
C CYS C 133 38.15 9.93 -6.10
N TYR C 134 36.86 9.80 -5.86
CA TYR C 134 36.09 8.60 -6.17
C TYR C 134 35.21 8.72 -7.37
N PHE C 135 35.08 9.94 -7.93
CA PHE C 135 34.30 10.16 -9.12
C PHE C 135 34.65 11.53 -9.65
N TYR C 136 34.34 11.79 -10.91
CA TYR C 136 34.69 13.03 -11.57
C TYR C 136 33.47 13.86 -11.94
N GLN C 137 33.51 15.13 -11.60
CA GLN C 137 32.41 16.03 -11.98
C GLN C 137 32.68 16.76 -13.32
N ILE C 138 31.84 16.51 -14.31
CA ILE C 138 31.94 17.21 -15.54
C ILE C 138 31.60 18.62 -15.21
N PHE C 139 32.53 19.52 -15.51
CA PHE C 139 32.27 20.96 -15.49
C PHE C 139 32.82 21.69 -16.73
N MET C 140 31.96 22.42 -17.44
CA MET C 140 32.40 23.19 -18.63
C MET C 140 31.34 24.21 -19.06
N ASP C 141 31.62 24.94 -20.15
CA ASP C 141 30.69 25.93 -20.72
C ASP C 141 29.98 25.32 -21.92
N LYS C 142 28.68 25.47 -22.02
CA LYS C 142 27.95 24.89 -23.16
C LYS C 142 28.40 25.44 -24.54
N LYS C 143 28.65 26.74 -24.62
CA LYS C 143 28.71 27.46 -25.93
C LYS C 143 29.53 26.69 -27.00
N VAL C 146 27.26 21.76 -29.11
CA VAL C 146 26.41 20.66 -29.60
C VAL C 146 25.29 20.29 -28.65
N MET C 147 24.16 19.91 -29.23
CA MET C 147 22.96 19.73 -28.45
C MET C 147 22.98 18.43 -27.65
N VAL C 148 23.47 17.35 -28.25
CA VAL C 148 23.60 16.08 -27.54
C VAL C 148 25.05 15.57 -27.59
N PRO C 149 25.79 15.88 -26.51
CA PRO C 149 27.14 15.48 -26.40
C PRO C 149 27.20 14.03 -25.98
N THR C 150 28.28 13.37 -26.35
CA THR C 150 28.64 12.07 -25.78
C THR C 150 29.36 12.27 -24.45
N SER C 151 29.34 11.28 -23.57
CA SER C 151 30.12 11.40 -22.34
C SER C 151 31.65 11.48 -22.61
N GLN C 152 32.10 10.88 -23.71
CA GLN C 152 33.47 11.01 -24.23
C GLN C 152 33.82 12.48 -24.40
N GLN C 153 32.96 13.24 -25.09
CA GLN C 153 33.13 14.71 -25.25
C GLN C 153 33.06 15.49 -23.96
N LEU C 154 32.10 15.18 -23.11
CA LEU C 154 32.06 15.86 -21.83
C LEU C 154 33.30 15.65 -21.00
N LEU C 155 33.80 14.44 -21.01
CA LEU C 155 35.03 14.22 -20.26
C LEU C 155 36.20 15.00 -20.82
N GLU C 156 36.36 14.97 -22.13
CA GLU C 156 37.44 15.68 -22.80
C GLU C 156 37.32 17.15 -22.52
N TRP C 157 36.16 17.70 -22.81
CA TRP C 157 35.96 19.11 -22.60
C TRP C 157 36.23 19.54 -21.14
N SER C 158 35.72 18.78 -20.18
CA SER C 158 35.92 19.12 -18.79
C SER C 158 37.41 19.01 -18.45
N PHE C 159 38.12 18.06 -19.04
CA PHE C 159 39.51 17.93 -18.70
C PHE C 159 40.30 19.12 -19.21
N ILE C 160 40.04 19.53 -20.44
CA ILE C 160 40.68 20.69 -21.02
C ILE C 160 40.31 21.94 -20.20
N ASN C 161 39.08 22.06 -19.78
CA ASN C 161 38.69 23.26 -19.07
C ASN C 161 39.44 23.44 -17.77
N SER C 162 39.85 22.38 -17.09
CA SER C 162 40.71 22.58 -15.93
C SER C 162 42.09 21.96 -16.09
N ASP C 163 42.54 21.85 -17.34
CA ASP C 163 43.93 21.46 -17.61
C ASP C 163 44.35 20.22 -16.81
N LEU C 164 43.59 19.14 -16.99
CA LEU C 164 43.68 17.95 -16.18
C LEU C 164 44.13 16.75 -16.95
N LYS C 165 44.63 15.78 -16.19
CA LYS C 165 45.12 14.55 -16.74
C LYS C 165 44.89 13.48 -15.69
N PHE C 166 44.68 12.24 -16.12
CA PHE C 166 44.76 11.09 -15.22
C PHE C 166 46.22 10.78 -14.90
N ALA C 167 46.56 10.78 -13.61
CA ALA C 167 47.88 10.37 -13.14
C ALA C 167 48.17 8.90 -13.44
N GLU C 168 47.11 8.09 -13.41
CA GLU C 168 47.20 6.69 -13.81
C GLU C 168 45.84 6.24 -14.32
N ALA C 169 45.81 5.12 -15.04
CA ALA C 169 44.58 4.60 -15.60
C ALA C 169 43.64 4.10 -14.49
N PRO C 170 42.44 4.70 -14.39
CA PRO C 170 41.47 4.18 -13.41
C PRO C 170 40.94 2.79 -13.79
N SER C 171 40.50 2.06 -12.78
CA SER C 171 39.74 0.82 -12.98
C SER C 171 38.22 1.07 -13.01
N CYS C 172 37.80 2.09 -12.24
CA CYS C 172 36.39 2.41 -12.07
C CYS C 172 36.27 3.90 -12.17
N LEU C 173 35.68 4.37 -13.25
CA LEU C 173 35.55 5.80 -13.51
C LEU C 173 34.08 6.18 -13.54
N ILE C 174 33.67 6.88 -12.52
CA ILE C 174 32.31 7.32 -12.34
C ILE C 174 32.31 8.80 -12.68
N ILE C 175 31.51 9.15 -13.68
CA ILE C 175 31.45 10.50 -14.17
C ILE C 175 30.10 11.14 -13.88
N GLN C 176 30.09 12.30 -13.20
CA GLN C 176 28.83 12.98 -12.89
C GLN C 176 28.51 13.96 -14.01
N MET C 177 27.33 13.78 -14.59
CA MET C 177 26.86 14.64 -15.63
C MET C 177 26.68 16.09 -15.16
N PRO C 178 26.77 17.04 -16.12
CA PRO C 178 26.69 18.46 -15.82
C PRO C 178 25.28 18.98 -15.63
N ARG C 179 24.89 19.02 -14.35
CA ARG C 179 23.62 19.52 -13.85
C ARG C 179 23.82 20.55 -12.73
N PHE C 180 22.81 21.39 -12.53
CA PHE C 180 22.83 22.39 -11.47
C PHE C 180 21.48 22.35 -10.76
N GLY C 181 21.42 21.53 -9.71
CA GLY C 181 20.21 21.31 -8.96
C GLY C 181 19.18 20.53 -9.76
N LYS C 182 18.05 20.34 -9.09
CA LYS C 182 16.81 19.76 -9.66
C LYS C 182 16.43 20.31 -10.99
N ASP C 183 16.59 21.61 -11.16
CA ASP C 183 15.87 22.29 -12.20
C ASP C 183 16.71 22.64 -13.37
N PHE C 184 18.01 22.32 -13.35
CA PHE C 184 18.83 22.60 -14.49
C PHE C 184 19.70 21.43 -14.93
N LYS C 185 19.57 21.08 -16.20
CA LYS C 185 20.43 20.17 -16.94
C LYS C 185 21.14 20.95 -18.02
N MET C 186 22.47 20.87 -18.07
CA MET C 186 23.17 21.55 -19.12
C MET C 186 22.65 21.08 -20.47
N PHE C 187 22.41 19.77 -20.59
CA PHE C 187 21.96 19.17 -21.83
C PHE C 187 20.65 18.43 -21.65
N ASN C 188 19.79 18.50 -22.65
CA ASN C 188 18.48 17.87 -22.59
C ASN C 188 18.63 16.36 -22.80
N LYS C 189 19.52 15.95 -23.70
CA LYS C 189 19.90 14.53 -23.86
C LYS C 189 21.42 14.43 -23.85
N ILE C 190 21.93 13.32 -23.33
CA ILE C 190 23.37 13.00 -23.41
C ILE C 190 23.51 11.57 -23.92
N PHE C 191 24.55 11.32 -24.73
CA PHE C 191 24.83 10.02 -25.31
C PHE C 191 25.89 9.39 -24.42
N PRO C 192 25.50 8.38 -23.69
CA PRO C 192 26.56 7.73 -22.94
C PRO C 192 27.40 6.83 -23.83
N SER C 193 28.66 7.20 -24.06
CA SER C 193 29.55 6.39 -24.88
C SER C 193 29.67 5.02 -24.27
N LEU C 194 29.54 4.02 -25.11
CA LEU C 194 29.69 2.62 -24.70
C LEU C 194 31.08 2.22 -24.30
N GLU C 195 32.03 2.88 -24.92
CA GLU C 195 33.45 2.75 -24.64
C GLU C 195 34.02 4.15 -24.45
N LEU C 196 34.96 4.29 -23.54
CA LEU C 196 35.68 5.54 -23.33
C LEU C 196 37.12 5.28 -23.71
N ASP C 197 37.69 6.18 -24.52
CA ASP C 197 39.15 6.16 -24.78
C ASP C 197 39.76 7.26 -23.94
N ILE C 198 40.57 6.90 -22.96
CA ILE C 198 41.22 7.90 -22.10
C ILE C 198 42.72 8.12 -22.43
N THR C 199 43.17 7.62 -23.58
CA THR C 199 44.57 7.71 -24.04
C THR C 199 45.14 9.13 -24.02
N ASP C 200 44.47 10.07 -24.68
CA ASP C 200 44.97 11.45 -24.72
C ASP C 200 44.76 12.20 -23.43
N LEU C 201 44.20 11.55 -22.41
CA LEU C 201 43.92 12.20 -21.12
C LEU C 201 44.84 11.67 -20.03
N LEU C 202 45.65 10.69 -20.40
CA LEU C 202 46.63 10.11 -19.49
C LEU C 202 47.92 10.89 -19.51
N ASP C 203 48.74 10.69 -18.49
CA ASP C 203 50.13 11.20 -18.53
C ASP C 203 51.10 10.57 -19.57
N ASP C 204 51.14 9.25 -19.69
CA ASP C 204 52.04 8.62 -20.69
C ASP C 204 51.48 8.70 -22.12
N GLN C 213 44.35 2.84 -21.94
CA GLN C 213 43.59 3.23 -23.13
C GLN C 213 42.03 3.19 -23.04
N GLN C 214 41.41 2.00 -22.98
CA GLN C 214 39.92 1.87 -23.09
C GLN C 214 39.18 1.49 -21.77
N MET C 215 37.89 1.82 -21.71
CA MET C 215 37.00 1.53 -20.59
C MET C 215 35.58 1.32 -21.12
N GLU C 216 34.79 0.50 -20.43
CA GLU C 216 33.48 0.11 -20.97
C GLU C 216 32.40 0.53 -20.01
N LEU C 217 31.34 1.06 -20.58
CA LEU C 217 30.18 1.49 -19.84
C LEU C 217 29.50 0.31 -19.19
N PHE C 218 29.37 0.33 -17.88
CA PHE C 218 28.57 -0.71 -17.25
C PHE C 218 27.27 -0.23 -16.58
N ALA C 219 27.11 1.05 -16.32
CA ALA C 219 25.91 1.54 -15.70
C ALA C 219 25.74 3.00 -15.91
N VAL C 220 24.46 3.40 -15.88
CA VAL C 220 24.09 4.79 -15.86
C VAL C 220 23.00 4.97 -14.79
N LEU C 221 23.34 5.83 -13.83
CA LEU C 221 22.50 6.22 -12.75
C LEU C 221 21.71 7.40 -13.26
N CYS C 222 20.37 7.36 -13.23
CA CYS C 222 19.55 8.46 -13.76
C CYS C 222 18.63 9.09 -12.70
N ILE C 223 18.21 10.31 -12.93
CA ILE C 223 17.26 10.96 -12.04
C ILE C 223 16.66 12.09 -12.85
N GLU C 224 15.33 12.15 -12.90
CA GLU C 224 14.65 13.26 -13.48
C GLU C 224 14.71 14.46 -12.55
N THR C 225 14.14 14.36 -11.36
CA THR C 225 14.22 15.45 -10.39
C THR C 225 14.47 15.01 -8.94
N SER C 226 13.85 13.92 -8.50
CA SER C 226 14.02 13.50 -7.10
C SER C 226 14.26 12.05 -6.88
N HIS C 227 14.04 11.23 -7.90
CA HIS C 227 14.05 9.78 -7.78
C HIS C 227 15.17 9.19 -8.62
N TYR C 228 16.14 8.52 -7.98
CA TYR C 228 17.23 7.83 -8.68
C TYR C 228 16.81 6.43 -9.16
N VAL C 229 17.15 6.10 -10.38
CA VAL C 229 16.94 4.76 -10.94
C VAL C 229 18.20 4.38 -11.68
N ALA C 230 18.26 3.19 -12.20
CA ALA C 230 19.54 2.73 -12.73
C ALA C 230 19.41 1.96 -14.00
N PHE C 231 20.36 2.17 -14.90
CA PHE C 231 20.49 1.27 -16.06
C PHE C 231 21.77 0.52 -15.95
N VAL C 232 21.74 -0.76 -16.24
CA VAL C 232 22.90 -1.60 -16.11
C VAL C 232 23.15 -2.49 -17.33
N LYS C 233 24.40 -2.56 -17.76
CA LYS C 233 24.77 -3.41 -18.89
C LYS C 233 25.24 -4.68 -18.26
N TYR C 234 24.52 -5.78 -18.46
CA TYR C 234 24.89 -7.07 -17.83
C TYR C 234 25.61 -8.04 -18.77
N GLY C 235 25.87 -7.66 -20.01
CA GLY C 235 26.59 -8.54 -20.94
C GLY C 235 27.11 -7.74 -22.08
N SER C 236 27.91 -8.36 -22.92
CA SER C 236 28.53 -7.68 -24.05
C SER C 236 27.51 -7.38 -25.15
N ALA C 237 26.45 -8.17 -25.22
CA ALA C 237 25.51 -7.98 -26.31
C ALA C 237 24.92 -6.58 -26.20
N ASP C 238 24.76 -5.97 -27.36
CA ASP C 238 24.15 -4.64 -27.51
C ASP C 238 22.85 -4.50 -26.75
N SER C 239 22.07 -5.58 -26.73
CA SER C 239 20.77 -5.56 -26.12
C SER C 239 20.78 -5.88 -24.64
N ALA C 240 21.94 -6.15 -24.06
CA ALA C 240 22.00 -6.67 -22.70
C ALA C 240 21.95 -5.56 -21.67
N TRP C 241 20.82 -4.87 -21.64
CA TRP C 241 20.59 -3.77 -20.72
C TRP C 241 19.39 -4.10 -19.85
N LEU C 242 19.49 -3.74 -18.56
CA LEU C 242 18.33 -3.77 -17.68
C LEU C 242 18.06 -2.38 -17.08
N PHE C 243 16.81 -2.17 -16.67
CA PHE C 243 16.43 -1.01 -15.90
C PHE C 243 15.87 -1.37 -14.51
N PHE C 244 16.29 -0.62 -13.51
CA PHE C 244 15.96 -0.92 -12.13
C PHE C 244 15.39 0.30 -11.46
N ASP C 245 14.23 0.13 -10.85
CA ASP C 245 13.57 1.17 -10.06
C ASP C 245 13.25 0.58 -8.71
N SER C 246 13.83 1.12 -7.66
CA SER C 246 13.62 0.60 -6.30
C SER C 246 12.23 0.90 -5.78
N MET C 247 11.50 1.75 -6.50
CA MET C 247 10.12 2.05 -6.15
C MET C 247 9.19 2.00 -7.37
N ALA C 248 9.17 0.87 -8.07
CA ALA C 248 8.37 0.72 -9.30
C ALA C 248 6.86 0.79 -9.01
N ASP C 249 6.49 0.29 -7.86
CA ASP C 249 5.13 0.13 -7.49
C ASP C 249 5.03 0.11 -5.95
N ARG C 250 3.81 0.15 -5.44
CA ARG C 250 3.59 0.11 -4.02
C ARG C 250 2.44 -0.83 -3.71
N ASP C 251 2.49 -1.44 -2.54
CA ASP C 251 1.43 -2.27 -2.01
C ASP C 251 0.87 -1.56 -0.79
N GLY C 252 -0.45 -1.43 -0.73
CA GLY C 252 -1.12 -0.79 0.41
C GLY C 252 -0.97 0.71 0.33
N GLY C 253 -1.27 1.40 1.43
CA GLY C 253 -1.44 2.85 1.38
C GLY C 253 -0.32 3.54 2.08
N GLN C 254 -0.65 4.62 2.80
CA GLN C 254 0.26 5.21 3.79
C GLN C 254 1.10 4.15 4.48
N ASN C 255 0.47 3.05 4.88
CA ASN C 255 1.14 2.00 5.67
C ASN C 255 1.46 0.71 4.90
N GLY C 256 1.60 0.86 3.58
CA GLY C 256 2.06 -0.19 2.71
C GLY C 256 3.58 -0.15 2.52
N PHE C 257 4.09 -0.85 1.50
CA PHE C 257 5.54 -0.98 1.24
C PHE C 257 5.78 -0.87 -0.25
N ASN C 258 7.04 -0.69 -0.64
CA ASN C 258 7.35 -0.47 -2.05
C ASN C 258 7.76 -1.76 -2.67
N ILE C 259 7.61 -1.82 -3.98
CA ILE C 259 7.98 -2.98 -4.74
C ILE C 259 8.93 -2.53 -5.83
N PRO C 260 10.19 -2.98 -5.72
CA PRO C 260 11.14 -2.65 -6.72
C PRO C 260 10.92 -3.50 -7.98
N GLN C 261 11.50 -3.09 -9.09
CA GLN C 261 11.35 -3.86 -10.33
C GLN C 261 12.61 -3.80 -11.13
N VAL C 262 12.95 -4.91 -11.74
CA VAL C 262 14.03 -4.93 -12.74
C VAL C 262 13.47 -5.41 -14.06
N SER C 263 13.81 -4.72 -15.14
CA SER C 263 13.21 -5.00 -16.47
C SER C 263 14.20 -4.97 -17.56
N ARG C 264 14.06 -5.89 -18.49
CA ARG C 264 14.90 -5.88 -19.68
C ARG C 264 14.55 -4.66 -20.48
N CYS C 265 15.56 -3.90 -20.89
CA CYS C 265 15.28 -2.78 -21.80
C CYS C 265 16.21 -2.80 -22.99
N PRO C 266 16.10 -3.85 -23.83
CA PRO C 266 16.97 -3.96 -25.03
C PRO C 266 16.95 -2.79 -25.98
N GLU C 267 15.88 -2.01 -25.98
CA GLU C 267 15.81 -0.84 -26.85
C GLU C 267 16.96 0.13 -26.62
N VAL C 268 17.45 0.19 -25.38
CA VAL C 268 18.61 1.00 -25.06
C VAL C 268 19.75 0.66 -26.01
N GLY C 269 19.94 -0.64 -26.26
CA GLY C 269 20.99 -1.07 -27.17
C GLY C 269 20.81 -0.50 -28.56
N GLU C 270 19.57 -0.41 -28.99
CA GLU C 270 19.32 0.05 -30.34
C GLU C 270 19.55 1.53 -30.47
N TYR C 271 19.07 2.29 -29.50
CA TYR C 271 19.23 3.74 -29.53
C TYR C 271 20.68 4.14 -29.47
N LEU C 272 21.49 3.36 -28.77
CA LEU C 272 22.88 3.66 -28.66
C LEU C 272 23.72 3.20 -29.83
N LYS C 273 23.10 2.60 -30.83
CA LYS C 273 23.75 2.42 -32.15
C LYS C 273 23.47 3.55 -33.09
N MET C 274 22.58 4.44 -32.72
CA MET C 274 22.27 5.64 -33.49
C MET C 274 23.28 6.71 -33.11
N THR C 275 23.34 7.80 -33.87
CA THR C 275 24.21 8.91 -33.53
C THR C 275 23.51 9.94 -32.67
N PRO C 276 24.29 10.76 -31.95
CA PRO C 276 23.78 11.91 -31.22
C PRO C 276 22.88 12.79 -32.04
N GLU C 277 23.24 13.03 -33.29
CA GLU C 277 22.40 13.88 -34.10
C GLU C 277 21.12 13.18 -34.47
N GLU C 278 21.13 11.86 -34.64
CA GLU C 278 19.87 11.16 -34.87
C GLU C 278 18.99 11.17 -33.63
N LEU C 279 19.58 11.06 -32.45
CA LEU C 279 18.85 11.13 -31.20
C LEU C 279 18.34 12.55 -30.95
N HIS C 280 19.16 13.52 -31.27
CA HIS C 280 18.74 14.89 -31.11
C HIS C 280 17.44 15.19 -31.87
N ALA C 281 17.34 14.76 -33.13
CA ALA C 281 16.15 14.93 -33.97
C ALA C 281 14.91 14.18 -33.47
N LEU C 282 15.09 13.31 -32.49
CA LEU C 282 14.02 12.47 -32.04
C LEU C 282 13.33 13.10 -30.80
N ASP C 283 12.03 13.31 -30.91
CA ASP C 283 11.21 13.89 -29.84
C ASP C 283 11.24 12.90 -28.65
N PRO C 284 11.62 13.36 -27.44
CA PRO C 284 11.68 12.41 -26.31
C PRO C 284 10.44 11.50 -26.15
N LYS C 285 9.27 12.00 -26.54
CA LYS C 285 8.03 11.22 -26.50
C LYS C 285 8.01 10.07 -27.53
N ASN C 286 8.83 10.14 -28.58
CA ASN C 286 8.94 9.05 -29.55
C ASN C 286 10.02 8.01 -29.26
N ILE C 287 10.67 8.15 -28.10
CA ILE C 287 11.74 7.26 -27.68
C ILE C 287 11.06 6.17 -26.89
N GLN C 288 11.27 4.93 -27.30
CA GLN C 288 10.51 3.80 -26.80
C GLN C 288 11.07 3.25 -25.50
N GLY C 289 10.19 2.57 -24.79
CA GLY C 289 10.50 1.99 -23.52
C GLY C 289 11.16 2.95 -22.57
N TYR C 290 12.14 2.43 -21.84
CA TYR C 290 12.83 3.12 -20.77
C TYR C 290 13.99 3.93 -21.27
N ALA C 291 14.22 3.87 -22.59
CA ALA C 291 15.35 4.57 -23.18
C ALA C 291 15.31 6.08 -22.98
N ARG C 292 14.10 6.62 -22.93
CA ARG C 292 13.92 8.05 -22.68
C ARG C 292 14.67 8.46 -21.43
N ARG C 293 14.59 7.67 -20.38
CA ARG C 293 15.17 8.11 -19.12
C ARG C 293 16.68 8.02 -19.14
N LEU C 294 17.20 7.00 -19.80
CA LEU C 294 18.66 6.86 -19.99
C LEU C 294 19.22 8.05 -20.73
N LEU C 295 18.53 8.48 -21.79
CA LEU C 295 19.07 9.53 -22.66
C LEU C 295 18.87 10.94 -22.12
N CYS C 296 17.79 11.17 -21.41
CA CYS C 296 17.43 12.48 -20.92
C CYS C 296 17.78 12.73 -19.46
N ASP C 297 17.84 11.68 -18.63
CA ASP C 297 17.98 11.85 -17.19
C ASP C 297 19.31 11.36 -16.58
N ALA C 298 20.39 11.36 -17.37
CA ALA C 298 21.64 10.79 -16.86
C ALA C 298 22.23 11.65 -15.79
N TYR C 299 22.71 10.98 -14.76
CA TYR C 299 23.30 11.64 -13.62
C TYR C 299 24.73 11.20 -13.47
N MET C 300 24.96 9.92 -13.46
CA MET C 300 26.31 9.39 -13.47
C MET C 300 26.46 8.27 -14.50
N CYS C 301 27.54 8.32 -15.28
CA CYS C 301 27.92 7.22 -16.16
C CYS C 301 29.10 6.49 -15.58
N MET C 302 29.01 5.15 -15.54
CA MET C 302 30.02 4.40 -14.85
C MET C 302 30.77 3.47 -15.82
N TYR C 303 32.10 3.60 -15.77
CA TYR C 303 33.02 2.87 -16.67
C TYR C 303 33.98 1.96 -15.90
N GLN C 304 34.33 0.83 -16.50
CA GLN C 304 35.23 -0.10 -15.89
C GLN C 304 36.24 -0.61 -16.91
N SER C 305 37.40 -1.07 -16.41
CA SER C 305 38.31 -1.95 -17.15
C SER C 305 37.57 -3.09 -17.85
N PRO C 306 37.83 -3.27 -19.15
CA PRO C 306 36.88 -4.05 -19.94
C PRO C 306 36.89 -5.50 -19.59
N THR C 307 35.75 -6.05 -19.21
CA THR C 307 35.63 -7.46 -18.91
C THR C 307 34.59 -8.09 -19.83
N MET C 308 33.54 -7.35 -20.16
CA MET C 308 32.46 -7.91 -20.98
C MET C 308 32.79 -7.92 -22.47
N SER C 309 33.58 -6.98 -22.91
CA SER C 309 33.76 -6.79 -24.34
C SER C 309 34.84 -7.65 -24.98
N LEU C 310 34.69 -7.80 -26.28
CA LEU C 310 35.58 -8.61 -27.06
C LEU C 310 36.10 -7.73 -28.16
N TYR C 311 37.41 -7.53 -28.17
CA TYR C 311 38.06 -6.76 -29.22
C TYR C 311 38.22 -7.56 -30.49
N LYS C 312 37.92 -6.90 -31.59
CA LYS C 312 37.79 -7.47 -32.93
C LYS C 312 38.79 -6.74 -33.78
N MET D 1 40.62 39.11 0.36
CA MET D 1 40.88 39.03 -1.10
C MET D 1 39.58 38.86 -1.87
N GLN D 2 39.68 38.94 -3.20
CA GLN D 2 38.57 38.66 -4.07
C GLN D 2 38.75 37.31 -4.80
N ILE D 3 37.68 36.49 -4.80
CA ILE D 3 37.61 35.25 -5.59
C ILE D 3 36.32 35.20 -6.42
N PHE D 4 36.32 34.31 -7.40
CA PHE D 4 35.21 34.17 -8.33
C PHE D 4 34.57 32.77 -8.20
N VAL D 5 33.25 32.72 -8.23
CA VAL D 5 32.59 31.44 -8.05
C VAL D 5 31.68 31.27 -9.23
N LYS D 6 32.08 30.38 -10.14
CA LYS D 6 31.34 30.17 -11.37
C LYS D 6 30.38 28.99 -11.23
N THR D 7 29.12 29.26 -11.54
CA THR D 7 28.11 28.25 -11.56
C THR D 7 28.15 27.60 -12.91
N LEU D 8 27.83 26.32 -12.91
CA LEU D 8 27.52 25.55 -14.08
C LEU D 8 26.47 26.22 -14.98
N THR D 9 25.57 27.03 -14.42
CA THR D 9 24.53 27.71 -15.21
C THR D 9 25.08 28.93 -15.96
N GLY D 10 26.35 29.30 -15.73
CA GLY D 10 27.01 30.37 -16.50
C GLY D 10 27.21 31.67 -15.73
N LYS D 11 26.56 31.83 -14.58
CA LYS D 11 26.73 33.04 -13.77
C LYS D 11 28.03 33.01 -12.96
N THR D 12 28.75 34.13 -12.97
CA THR D 12 29.96 34.25 -12.18
C THR D 12 29.64 35.11 -11.02
N ILE D 13 30.03 34.68 -9.83
CA ILE D 13 29.68 35.38 -8.62
C ILE D 13 30.96 35.75 -7.89
N THR D 14 31.10 37.03 -7.56
CA THR D 14 32.32 37.59 -7.01
C THR D 14 32.22 37.74 -5.50
N LEU D 15 33.30 37.44 -4.77
CA LEU D 15 33.26 37.44 -3.30
C LEU D 15 34.53 37.92 -2.57
N GLU D 16 34.32 38.83 -1.61
CA GLU D 16 35.20 39.12 -0.45
C GLU D 16 35.69 37.89 0.33
N VAL D 17 36.95 37.90 0.78
CA VAL D 17 37.49 36.75 1.54
C VAL D 17 38.85 36.99 2.21
N GLU D 18 39.22 36.05 3.08
CA GLU D 18 40.56 35.98 3.64
C GLU D 18 41.18 34.61 3.36
N PRO D 19 42.51 34.56 3.11
CA PRO D 19 43.28 33.32 2.75
C PRO D 19 43.12 32.11 3.68
N SER D 20 42.75 32.35 4.93
CA SER D 20 42.60 31.27 5.90
C SER D 20 41.13 30.90 6.22
N ASP D 21 40.16 31.53 5.54
CA ASP D 21 38.73 31.20 5.72
C ASP D 21 38.43 29.74 5.39
N THR D 22 37.39 29.20 6.03
CA THR D 22 36.92 27.82 5.83
C THR D 22 35.99 27.73 4.60
N ILE D 23 35.85 26.52 4.07
CA ILE D 23 34.93 26.23 2.96
C ILE D 23 33.49 26.48 3.43
N GLU D 24 33.23 26.16 4.69
CA GLU D 24 31.96 26.50 5.36
C GLU D 24 31.65 28.01 5.23
N ASN D 25 32.65 28.82 5.56
CA ASN D 25 32.51 30.28 5.52
C ASN D 25 32.12 30.77 4.13
N VAL D 26 32.82 30.28 3.12
CA VAL D 26 32.57 30.70 1.74
C VAL D 26 31.13 30.40 1.35
N LYS D 27 30.71 29.17 1.64
CA LYS D 27 29.33 28.75 1.38
C LYS D 27 28.28 29.71 1.96
N ALA D 28 28.54 30.18 3.17
CA ALA D 28 27.60 31.09 3.84
C ALA D 28 27.45 32.40 3.05
N LYS D 29 28.59 32.96 2.63
CA LYS D 29 28.58 34.13 1.75
C LYS D 29 27.73 33.92 0.47
N ILE D 30 27.96 32.78 -0.20
CA ILE D 30 27.19 32.43 -1.40
C ILE D 30 25.68 32.39 -1.10
N GLN D 31 25.33 31.86 0.07
CA GLN D 31 23.92 31.80 0.45
C GLN D 31 23.34 33.19 0.49
N ASP D 32 24.01 34.06 1.24
CA ASP D 32 23.59 35.45 1.39
C ASP D 32 23.45 36.13 0.02
N LYS D 33 24.35 35.79 -0.90
CA LYS D 33 24.40 36.41 -2.22
C LYS D 33 23.34 35.88 -3.19
N GLU D 34 23.10 34.56 -3.18
CA GLU D 34 22.20 33.96 -4.17
C GLU D 34 21.05 33.14 -3.59
N GLY D 35 21.05 32.93 -2.27
CA GLY D 35 19.98 32.16 -1.62
C GLY D 35 20.02 30.64 -1.78
N ILE D 36 21.20 30.11 -2.06
CA ILE D 36 21.39 28.68 -2.13
C ILE D 36 21.83 28.16 -0.76
N PRO D 37 21.08 27.23 -0.18
CA PRO D 37 21.51 26.68 1.11
C PRO D 37 22.89 25.97 1.05
N PRO D 38 23.75 26.17 2.05
CA PRO D 38 25.08 25.56 2.04
C PRO D 38 25.13 24.06 1.89
N ASP D 39 24.13 23.36 2.42
CA ASP D 39 24.10 21.91 2.32
C ASP D 39 23.92 21.44 0.88
N GLN D 40 23.44 22.32 0.00
CA GLN D 40 23.28 22.04 -1.43
C GLN D 40 24.51 22.37 -2.24
N GLN D 41 25.42 23.13 -1.66
CA GLN D 41 26.53 23.62 -2.41
C GLN D 41 27.74 22.69 -2.45
N ARG D 42 28.24 22.44 -3.64
CA ARG D 42 29.50 21.71 -3.84
C ARG D 42 30.51 22.60 -4.56
N LEU D 43 31.52 23.01 -3.82
CA LEU D 43 32.60 23.88 -4.32
C LEU D 43 33.82 23.07 -4.80
N ILE D 44 34.31 23.42 -5.98
CA ILE D 44 35.36 22.68 -6.68
C ILE D 44 36.46 23.64 -7.13
N PHE D 45 37.70 23.21 -6.97
CA PHE D 45 38.86 23.95 -7.47
C PHE D 45 39.84 22.95 -8.04
N ALA D 46 40.18 23.14 -9.32
CA ALA D 46 41.17 22.28 -9.97
C ALA D 46 40.70 20.82 -10.01
N GLY D 47 39.41 20.64 -10.26
CA GLY D 47 38.81 19.31 -10.27
C GLY D 47 38.60 18.64 -8.92
N LYS D 48 38.95 19.36 -7.84
CA LYS D 48 38.92 18.84 -6.46
C LYS D 48 37.72 19.37 -5.68
N GLN D 49 36.84 18.48 -5.23
CA GLN D 49 35.76 18.90 -4.32
C GLN D 49 36.36 19.35 -2.99
N LEU D 50 35.96 20.55 -2.56
CA LEU D 50 36.53 21.19 -1.37
C LEU D 50 35.77 20.82 -0.10
N GLU D 51 36.50 20.30 0.89
CA GLU D 51 35.91 19.78 2.13
C GLU D 51 35.66 20.90 3.16
N ASP D 52 34.58 20.76 3.92
CA ASP D 52 34.11 21.80 4.86
C ASP D 52 35.15 22.22 5.90
N GLY D 53 35.81 21.24 6.53
CA GLY D 53 36.75 21.51 7.61
C GLY D 53 38.11 22.13 7.25
N ARG D 54 38.41 22.29 5.96
CA ARG D 54 39.71 22.83 5.53
C ARG D 54 39.62 24.32 5.13
N THR D 55 40.76 24.98 4.88
CA THR D 55 40.80 26.42 4.57
C THR D 55 41.18 26.68 3.10
N LEU D 56 40.99 27.91 2.62
CA LEU D 56 41.38 28.27 1.24
C LEU D 56 42.86 27.98 1.06
N SER D 57 43.64 28.51 1.99
CA SER D 57 45.06 28.23 2.14
C SER D 57 45.42 26.76 1.86
N ASP D 58 44.68 25.83 2.50
CA ASP D 58 44.94 24.37 2.38
C ASP D 58 44.81 23.82 0.95
N TYR D 59 44.03 24.48 0.10
CA TYR D 59 43.89 24.10 -1.30
C TYR D 59 44.67 25.04 -2.23
N ASN D 60 45.45 25.96 -1.64
CA ASN D 60 46.27 26.93 -2.39
C ASN D 60 45.44 27.89 -3.27
N ILE D 61 44.33 28.36 -2.72
CA ILE D 61 43.43 29.28 -3.41
C ILE D 61 43.82 30.72 -3.09
N GLN D 62 44.10 31.53 -4.13
CA GLN D 62 44.57 32.93 -3.97
C GLN D 62 43.61 33.97 -4.54
N LYS D 63 43.73 35.23 -4.10
CA LYS D 63 43.03 36.40 -4.70
C LYS D 63 42.84 36.27 -6.23
N GLU D 64 41.61 36.51 -6.69
CA GLU D 64 41.23 36.32 -8.09
C GLU D 64 41.21 34.84 -8.60
N SER D 65 41.29 33.86 -7.70
CA SER D 65 41.06 32.47 -8.07
C SER D 65 39.59 32.28 -8.41
N THR D 66 39.33 31.37 -9.33
CA THR D 66 37.96 31.02 -9.70
C THR D 66 37.63 29.66 -9.15
N LEU D 67 36.47 29.57 -8.51
CA LEU D 67 35.92 28.31 -8.04
C LEU D 67 34.75 27.87 -8.90
N HIS D 68 34.47 26.57 -8.89
CA HIS D 68 33.25 26.01 -9.50
C HIS D 68 32.21 25.67 -8.43
N LEU D 69 30.98 26.09 -8.66
CA LEU D 69 29.90 25.72 -7.82
C LEU D 69 28.97 24.82 -8.64
N VAL D 70 28.63 23.67 -8.06
CA VAL D 70 27.53 22.80 -8.54
C VAL D 70 26.66 22.49 -7.35
N LEU D 71 25.39 22.33 -7.60
CA LEU D 71 24.39 22.03 -6.59
C LEU D 71 24.07 20.56 -6.42
N ARG D 72 23.85 20.12 -5.19
CA ARG D 72 23.30 18.82 -4.89
C ARG D 72 21.81 18.84 -5.29
N LEU D 73 21.24 17.69 -5.59
CA LEU D 73 19.82 17.65 -5.89
C LEU D 73 19.00 17.53 -4.60
N ARG D 74 18.18 18.53 -4.29
CA ARG D 74 17.29 18.51 -3.13
C ARG D 74 15.88 19.00 -3.44
N GLY D 75 14.91 18.40 -2.83
CA GLY D 75 13.53 18.72 -3.09
C GLY D 75 12.84 17.69 -3.98
N GLY D 76 11.52 17.81 -4.02
CA GLY D 76 10.67 16.90 -4.74
C GLY D 76 10.44 15.59 -4.05
N MET D 77 9.52 14.85 -4.59
CA MET D 77 9.12 13.59 -4.00
C MET D 77 8.54 12.73 -5.09
N GLN D 78 8.42 11.48 -4.78
CA GLN D 78 7.83 10.60 -5.70
C GLN D 78 6.44 10.14 -5.21
N ILE D 79 5.47 10.16 -6.09
CA ILE D 79 4.17 9.53 -5.81
C ILE D 79 3.76 8.41 -6.74
N PHE D 80 2.73 7.68 -6.34
CA PHE D 80 2.13 6.65 -7.15
C PHE D 80 0.71 7.00 -7.52
N VAL D 81 0.39 6.83 -8.80
CA VAL D 81 -0.97 6.93 -9.25
C VAL D 81 -1.46 5.58 -9.77
N LYS D 82 -2.46 5.03 -9.11
CA LYS D 82 -3.04 3.72 -9.49
C LYS D 82 -4.39 3.79 -10.23
N THR D 83 -4.57 2.91 -11.20
CA THR D 83 -5.83 2.74 -11.93
C THR D 83 -6.57 1.60 -11.29
N LEU D 84 -7.82 1.41 -11.68
CA LEU D 84 -8.65 0.43 -11.02
C LEU D 84 -8.34 -1.00 -11.36
N THR D 85 -7.77 -1.21 -12.54
CA THR D 85 -7.31 -2.54 -12.91
C THR D 85 -6.00 -2.97 -12.19
N GLY D 86 -5.36 -2.04 -11.47
CA GLY D 86 -4.16 -2.33 -10.68
C GLY D 86 -2.87 -1.79 -11.26
N LYS D 87 -2.91 -1.25 -12.48
CA LYS D 87 -1.73 -0.64 -13.12
C LYS D 87 -1.26 0.59 -12.33
N THR D 88 0.06 0.79 -12.27
CA THR D 88 0.62 1.83 -11.42
C THR D 88 1.46 2.75 -12.27
N ILE D 89 1.32 4.06 -12.06
CA ILE D 89 2.20 5.02 -12.70
C ILE D 89 2.89 5.83 -11.62
N THR D 90 4.20 6.01 -11.75
CA THR D 90 4.91 6.80 -10.78
C THR D 90 5.27 8.14 -11.36
N LEU D 91 5.38 9.13 -10.49
CA LEU D 91 5.57 10.49 -10.93
C LEU D 91 6.54 11.14 -10.01
N GLU D 92 7.37 12.05 -10.52
CA GLU D 92 8.20 12.93 -9.69
C GLU D 92 7.56 14.30 -9.65
N VAL D 93 7.39 14.78 -8.43
CA VAL D 93 6.56 15.93 -8.21
C VAL D 93 7.05 16.72 -7.01
N GLU D 94 6.61 17.98 -6.91
CA GLU D 94 6.75 18.80 -5.69
C GLU D 94 5.43 18.98 -4.97
N PRO D 95 5.49 19.23 -3.64
CA PRO D 95 4.32 19.59 -2.83
C PRO D 95 3.51 20.76 -3.42
N SER D 96 4.25 21.69 -4.00
CA SER D 96 3.66 22.89 -4.59
C SER D 96 3.10 22.67 -5.99
N ASP D 97 3.24 21.47 -6.56
CA ASP D 97 2.66 21.20 -7.84
C ASP D 97 1.16 21.26 -7.74
N THR D 98 0.55 21.99 -8.67
CA THR D 98 -0.91 22.01 -8.75
C THR D 98 -1.45 20.67 -9.29
N ILE D 99 -2.70 20.37 -8.99
CA ILE D 99 -3.32 19.15 -9.51
C ILE D 99 -3.35 19.18 -11.07
N GLU D 100 -3.62 20.36 -11.63
CA GLU D 100 -3.50 20.53 -13.07
C GLU D 100 -2.18 19.92 -13.60
N ASN D 101 -1.05 20.39 -13.11
CA ASN D 101 0.18 19.92 -13.72
C ASN D 101 0.59 18.53 -13.30
N VAL D 102 0.02 17.97 -12.24
CA VAL D 102 0.17 16.54 -12.06
C VAL D 102 -0.50 15.80 -13.21
N LYS D 103 -1.68 16.24 -13.61
CA LYS D 103 -2.34 15.64 -14.78
C LYS D 103 -1.50 15.81 -16.06
N ALA D 104 -1.03 17.04 -16.27
CA ALA D 104 -0.12 17.33 -17.34
C ALA D 104 1.09 16.41 -17.33
N LYS D 105 1.60 16.03 -16.15
CA LYS D 105 2.69 15.03 -16.08
C LYS D 105 2.20 13.67 -16.50
N ILE D 106 0.96 13.35 -16.18
CA ILE D 106 0.42 12.05 -16.56
C ILE D 106 0.21 12.00 -18.08
N GLN D 107 -0.16 13.13 -18.67
CA GLN D 107 -0.28 13.22 -20.12
C GLN D 107 1.09 13.04 -20.78
N ASP D 108 2.09 13.70 -20.23
CA ASP D 108 3.46 13.58 -20.71
C ASP D 108 4.02 12.16 -20.56
N LYS D 109 3.77 11.50 -19.42
CA LYS D 109 4.38 10.22 -19.13
C LYS D 109 3.62 9.04 -19.75
N GLU D 110 2.33 8.92 -19.46
CA GLU D 110 1.50 7.80 -19.94
C GLU D 110 0.64 8.15 -21.18
N GLY D 111 0.59 9.44 -21.54
CA GLY D 111 -0.15 9.93 -22.73
C GLY D 111 -1.63 10.31 -22.54
N ILE D 112 -2.23 10.01 -21.40
CA ILE D 112 -3.68 10.26 -21.24
C ILE D 112 -3.99 11.76 -21.00
N PRO D 113 -5.09 12.26 -21.59
CA PRO D 113 -5.39 13.71 -21.48
C PRO D 113 -6.07 14.16 -20.16
N PRO D 114 -5.60 15.27 -19.55
CA PRO D 114 -6.18 15.86 -18.30
C PRO D 114 -7.69 16.05 -18.25
N ASP D 115 -8.28 16.33 -19.41
CA ASP D 115 -9.72 16.50 -19.52
C ASP D 115 -10.42 15.19 -19.08
N GLN D 116 -9.75 14.09 -19.36
CA GLN D 116 -10.26 12.77 -19.08
C GLN D 116 -9.87 12.22 -17.70
N GLN D 117 -9.01 12.92 -16.98
CA GLN D 117 -8.44 12.42 -15.74
C GLN D 117 -9.19 12.88 -14.49
N ARG D 118 -9.70 11.94 -13.69
CA ARG D 118 -10.25 12.24 -12.35
C ARG D 118 -9.25 11.68 -11.32
N LEU D 119 -8.62 12.58 -10.57
CA LEU D 119 -7.63 12.21 -9.54
C LEU D 119 -8.22 12.21 -8.12
N ILE D 120 -8.06 11.10 -7.41
CA ILE D 120 -8.62 10.95 -6.06
C ILE D 120 -7.52 10.68 -5.01
N PHE D 121 -7.65 11.36 -3.86
CA PHE D 121 -6.80 11.08 -2.68
C PHE D 121 -7.58 11.12 -1.38
N ALA D 122 -7.39 10.12 -0.52
CA ALA D 122 -8.10 10.01 0.76
C ALA D 122 -9.58 10.11 0.52
N GLY D 123 -10.04 9.45 -0.54
CA GLY D 123 -11.44 9.42 -0.90
C GLY D 123 -11.97 10.73 -1.45
N LYS D 124 -11.15 11.77 -1.56
CA LYS D 124 -11.59 13.04 -2.12
C LYS D 124 -11.08 13.24 -3.52
N GLN D 125 -11.96 13.75 -4.36
CA GLN D 125 -11.64 14.20 -5.69
C GLN D 125 -10.73 15.41 -5.63
N LEU D 126 -9.71 15.46 -6.47
CA LEU D 126 -8.75 16.54 -6.37
C LEU D 126 -9.05 17.67 -7.36
N GLU D 127 -9.03 18.90 -6.88
CA GLU D 127 -9.43 20.05 -7.67
C GLU D 127 -8.21 20.69 -8.29
N ASP D 128 -8.34 21.08 -9.57
CA ASP D 128 -7.20 21.41 -10.43
C ASP D 128 -6.29 22.54 -9.91
N GLY D 129 -6.88 23.56 -9.30
CA GLY D 129 -6.11 24.74 -8.89
C GLY D 129 -5.35 24.55 -7.59
N ARG D 130 -5.74 23.58 -6.78
CA ARG D 130 -5.03 23.30 -5.53
C ARG D 130 -3.74 22.54 -5.79
N THR D 131 -2.95 22.46 -4.75
CA THR D 131 -1.69 21.80 -4.78
C THR D 131 -1.77 20.52 -4.05
N LEU D 132 -0.79 19.69 -4.29
CA LEU D 132 -0.61 18.43 -3.56
C LEU D 132 -0.48 18.67 -2.06
N SER D 133 0.19 19.75 -1.71
CA SER D 133 0.42 20.11 -0.32
C SER D 133 -0.88 20.48 0.40
N ASP D 134 -1.82 21.08 -0.33
CA ASP D 134 -3.15 21.37 0.25
C ASP D 134 -3.77 20.10 0.77
N TYR D 135 -3.59 19.02 0.03
CA TYR D 135 -4.16 17.72 0.43
C TYR D 135 -3.27 16.82 1.31
N ASN D 136 -2.16 17.36 1.82
CA ASN D 136 -1.20 16.62 2.68
C ASN D 136 -0.67 15.39 1.95
N ILE D 137 -0.37 15.62 0.68
CA ILE D 137 0.11 14.54 -0.13
C ILE D 137 1.61 14.59 -0.07
N GLN D 138 2.16 13.46 0.38
CA GLN D 138 3.55 13.31 0.68
C GLN D 138 4.25 12.23 -0.15
N LYS D 139 5.56 12.10 0.09
CA LYS D 139 6.38 11.11 -0.59
C LYS D 139 5.82 9.76 -0.40
N GLU D 140 5.70 9.03 -1.50
CA GLU D 140 5.21 7.66 -1.53
C GLU D 140 3.71 7.55 -1.28
N SER D 141 3.03 8.69 -1.35
CA SER D 141 1.57 8.63 -1.36
C SER D 141 0.99 7.96 -2.62
N THR D 142 -0.23 7.47 -2.48
CA THR D 142 -0.95 6.86 -3.58
C THR D 142 -2.20 7.64 -3.94
N LEU D 143 -2.31 8.05 -5.19
CA LEU D 143 -3.54 8.64 -5.71
C LEU D 143 -4.24 7.57 -6.53
N HIS D 144 -5.56 7.68 -6.64
CA HIS D 144 -6.27 6.87 -7.62
C HIS D 144 -6.56 7.75 -8.83
N LEU D 145 -6.46 7.12 -9.98
CA LEU D 145 -6.86 7.74 -11.26
C LEU D 145 -8.06 6.98 -11.83
N VAL D 146 -9.14 7.71 -12.01
CA VAL D 146 -10.31 7.22 -12.70
C VAL D 146 -10.42 7.88 -14.07
N LEU D 147 -10.74 7.11 -15.11
CA LEU D 147 -10.92 7.69 -16.46
C LEU D 147 -12.39 8.10 -16.74
N ARG D 148 -12.57 9.30 -17.29
CA ARG D 148 -13.88 9.76 -17.77
C ARG D 148 -13.79 10.54 -19.08
#